data_3HPI
#
_entry.id   3HPI
#
_cell.length_a   60.042
_cell.length_b   85.229
_cell.length_c   132.864
_cell.angle_alpha   90.000
_cell.angle_beta   90.000
_cell.angle_gamma   90.000
#
_symmetry.space_group_name_H-M   'P 21 21 21'
#
loop_
_entity.id
_entity.type
_entity.pdbx_description
1 polymer 'Maltose-binding periplasmic protein'
2 branched beta-D-fructofuranose-(2-1)-alpha-D-glucopyranose
3 non-polymer 'ZINC ION'
4 non-polymer 'ACETATE ION'
5 water water
#
_entity_poly.entity_id   1
_entity_poly.type   'polypeptide(L)'
_entity_poly.pdbx_seq_one_letter_code
;GAKIEEGKLVIWINGLFGYNGLAEVGKKFEKDTGIKVTVEHPDKLEEKFPQVAATGDGPDIIFYAHDRFGGYAQSGLLAE
ITPDKAFQDKLYPFTWDAVRYNGKLIAYPIAVYALSLIYNKDLLPNPPKTWEEIPALDKELKAKGKSALMFNLQEPYFTW
PLIAADGGYAFKYENGKYDIKDVGVDNAGAKAGLTFLVDLIKNKHMNADTDYSIAEAAFNKGETAMTINGPWAWSNIDTS
KVNYGVTVLPTFKGQPSKPFVGVLSAGINAASPNKELAKEFLENYLLTDEGLEAVNKDKPLGAVALKSYEEELAKDPRIA
ATMENAQKGEIMPNIPQMSAFWYAVRTAVINAASGRQTVDEALKDAQTRITK
;
_entity_poly.pdbx_strand_id   A,B
#
# COMPACT_ATOMS: atom_id res chain seq x y z
N ILE A 4 -0.40 19.39 14.55
CA ILE A 4 -0.13 18.32 15.55
C ILE A 4 -0.85 18.63 16.87
N GLU A 5 -1.66 17.70 17.33
CA GLU A 5 -2.40 17.90 18.57
C GLU A 5 -1.59 17.56 19.81
N GLU A 6 -1.68 18.40 20.82
CA GLU A 6 -0.96 18.18 22.07
C GLU A 6 -1.73 17.15 22.90
N GLY A 7 -1.00 16.25 23.55
CA GLY A 7 -1.65 15.24 24.35
C GLY A 7 -1.83 13.91 23.64
N LYS A 8 -1.19 13.76 22.47
CA LYS A 8 -1.27 12.50 21.73
C LYS A 8 -0.05 12.35 20.82
N LEU A 9 0.20 11.12 20.38
CA LEU A 9 1.34 10.87 19.50
C LEU A 9 0.96 10.28 18.14
N VAL A 10 1.38 10.97 17.08
CA VAL A 10 1.14 10.50 15.73
C VAL A 10 2.50 10.06 15.21
N ILE A 11 2.57 8.85 14.68
CA ILE A 11 3.83 8.32 14.18
C ILE A 11 3.72 7.89 12.73
N TRP A 12 4.81 8.09 11.98
CA TRP A 12 4.84 7.67 10.58
C TRP A 12 5.97 6.68 10.42
N ILE A 13 5.71 5.61 9.68
CA ILE A 13 6.72 4.61 9.43
C ILE A 13 6.50 4.01 8.05
N ASN A 14 7.60 3.58 7.43
CA ASN A 14 7.57 2.98 6.10
C ASN A 14 6.67 1.75 6.11
N GLY A 15 5.73 1.68 5.16
CA GLY A 15 4.80 0.57 5.08
C GLY A 15 5.42 -0.81 5.01
N LEU A 16 6.68 -0.89 4.61
CA LEU A 16 7.35 -2.17 4.51
C LEU A 16 7.60 -2.82 5.86
N PHE A 17 7.77 -1.99 6.89
CA PHE A 17 8.05 -2.49 8.23
C PHE A 17 6.80 -2.85 9.03
N GLY A 18 7.01 -3.34 10.25
CA GLY A 18 5.89 -3.75 11.07
C GLY A 18 5.13 -2.63 11.74
N TYR A 19 4.38 -1.86 10.96
CA TYR A 19 3.61 -0.76 11.51
C TYR A 19 2.51 -1.24 12.47
N ASN A 20 1.98 -2.43 12.23
CA ASN A 20 0.96 -2.98 13.10
C ASN A 20 1.60 -3.38 14.42
N GLY A 21 2.84 -3.87 14.35
CA GLY A 21 3.55 -4.24 15.55
C GLY A 21 3.90 -3.00 16.35
N LEU A 22 4.19 -1.91 15.65
CA LEU A 22 4.53 -0.65 16.29
C LEU A 22 3.26 -0.09 16.93
N ALA A 23 2.11 -0.36 16.34
CA ALA A 23 0.84 0.12 16.90
C ALA A 23 0.54 -0.60 18.21
N GLU A 24 0.94 -1.87 18.30
CA GLU A 24 0.72 -2.65 19.52
C GLU A 24 1.50 -2.03 20.68
N VAL A 25 2.71 -1.55 20.41
CA VAL A 25 3.51 -0.91 21.45
C VAL A 25 2.79 0.38 21.84
N GLY A 26 2.28 1.09 20.84
CA GLY A 26 1.55 2.31 21.10
C GLY A 26 0.33 2.06 21.98
N LYS A 27 -0.29 0.90 21.83
CA LYS A 27 -1.47 0.58 22.65
C LYS A 27 -1.09 0.32 24.11
N LYS A 28 0.04 -0.33 24.32
CA LYS A 28 0.49 -0.60 25.69
C LYS A 28 0.78 0.76 26.33
N PHE A 29 1.36 1.66 25.54
CA PHE A 29 1.69 3.00 26.03
C PHE A 29 0.39 3.69 26.45
N GLU A 30 -0.62 3.64 25.58
CA GLU A 30 -1.90 4.27 25.87
C GLU A 30 -2.54 3.68 27.12
N LYS A 31 -2.54 2.35 27.23
CA LYS A 31 -3.10 1.68 28.41
C LYS A 31 -2.43 2.19 29.68
N ASP A 32 -1.10 2.20 29.69
CA ASP A 32 -0.31 2.65 30.82
C ASP A 32 -0.34 4.16 31.06
N THR A 33 -0.35 4.93 29.99
CA THR A 33 -0.29 6.38 30.10
C THR A 33 -1.57 7.15 29.82
N GLY A 34 -2.44 6.62 28.98
CA GLY A 34 -3.66 7.33 28.64
C GLY A 34 -3.51 8.17 27.39
N ILE A 35 -2.30 8.20 26.81
CA ILE A 35 -2.05 8.96 25.59
C ILE A 35 -2.30 8.08 24.37
N LYS A 36 -3.10 8.58 23.42
CA LYS A 36 -3.42 7.85 22.21
C LYS A 36 -2.27 7.92 21.20
N VAL A 37 -1.84 6.76 20.70
CA VAL A 37 -0.76 6.71 19.71
C VAL A 37 -1.31 6.20 18.37
N THR A 38 -1.21 7.04 17.35
CA THR A 38 -1.70 6.69 16.02
C THR A 38 -0.56 6.43 15.05
N VAL A 39 -0.50 5.22 14.50
CA VAL A 39 0.54 4.83 13.55
C VAL A 39 0.03 4.83 12.11
N GLU A 40 0.66 5.63 11.26
CA GLU A 40 0.29 5.70 9.86
C GLU A 40 1.50 5.43 8.97
N HIS A 41 1.26 4.94 7.77
CA HIS A 41 2.33 4.63 6.84
C HIS A 41 2.09 5.33 5.50
N PRO A 42 2.13 6.67 5.49
CA PRO A 42 1.91 7.41 4.25
C PRO A 42 2.84 7.04 3.09
N ASP A 43 2.31 7.18 1.89
CA ASP A 43 3.05 6.86 0.67
C ASP A 43 4.18 7.87 0.51
N LYS A 44 5.38 7.38 0.17
CA LYS A 44 6.51 8.27 -0.01
C LYS A 44 6.62 9.20 1.19
N LEU A 45 6.56 8.63 2.39
CA LEU A 45 6.64 9.44 3.61
C LEU A 45 7.96 10.20 3.71
N GLU A 46 9.03 9.65 3.13
CA GLU A 46 10.35 10.30 3.20
C GLU A 46 10.36 11.64 2.45
N GLU A 47 9.48 11.79 1.47
CA GLU A 47 9.40 13.02 0.69
C GLU A 47 8.31 13.91 1.25
N LYS A 48 7.29 13.29 1.83
CA LYS A 48 6.17 14.00 2.40
C LYS A 48 6.55 14.75 3.68
N PHE A 49 7.23 14.05 4.59
CA PHE A 49 7.65 14.63 5.86
C PHE A 49 8.32 16.00 5.72
N PRO A 50 9.31 16.14 4.82
CA PRO A 50 9.97 17.44 4.67
C PRO A 50 8.97 18.55 4.34
N GLN A 51 8.11 18.29 3.36
CA GLN A 51 7.12 19.26 2.94
C GLN A 51 6.24 19.75 4.08
N VAL A 52 5.54 18.82 4.73
CA VAL A 52 4.66 19.17 5.84
C VAL A 52 5.38 19.69 7.09
N ALA A 53 6.45 19.02 7.50
CA ALA A 53 7.18 19.42 8.71
C ALA A 53 7.71 20.85 8.57
N ALA A 54 7.93 21.30 7.34
CA ALA A 54 8.44 22.65 7.10
C ALA A 54 7.42 23.73 7.47
N THR A 55 6.15 23.36 7.49
CA THR A 55 5.10 24.32 7.84
C THR A 55 4.72 24.24 9.31
N GLY A 56 5.27 23.28 10.02
CA GLY A 56 4.98 23.14 11.44
C GLY A 56 4.11 21.98 11.84
N ASP A 57 3.82 21.07 10.91
CA ASP A 57 2.98 19.92 11.24
C ASP A 57 3.63 18.59 10.86
N GLY A 58 2.80 17.58 10.58
CA GLY A 58 3.30 16.26 10.22
C GLY A 58 3.22 15.42 11.47
N PRO A 59 3.86 14.24 11.53
CA PRO A 59 3.80 13.41 12.73
C PRO A 59 4.74 13.92 13.82
N ASP A 60 4.57 13.42 15.03
CA ASP A 60 5.43 13.81 16.13
C ASP A 60 6.73 13.00 16.05
N ILE A 61 6.65 11.82 15.44
CA ILE A 61 7.78 10.92 15.28
C ILE A 61 7.81 10.31 13.88
N ILE A 62 8.98 10.31 13.25
CA ILE A 62 9.11 9.72 11.92
C ILE A 62 10.13 8.57 11.95
N PHE A 63 9.71 7.40 11.46
CA PHE A 63 10.58 6.21 11.39
C PHE A 63 10.98 6.00 9.94
N TYR A 64 12.28 5.99 9.66
CA TYR A 64 12.77 5.77 8.31
C TYR A 64 14.27 5.54 8.36
N ALA A 65 14.82 5.03 7.26
CA ALA A 65 16.25 4.78 7.21
C ALA A 65 16.99 6.07 7.52
N HIS A 66 18.15 5.94 8.17
CA HIS A 66 18.94 7.10 8.59
C HIS A 66 19.50 8.01 7.50
N ASP A 67 19.62 7.53 6.27
CA ASP A 67 20.18 8.35 5.20
C ASP A 67 19.40 9.61 4.87
N ARG A 68 18.10 9.61 5.15
CA ARG A 68 17.23 10.76 4.89
C ARG A 68 17.26 11.84 5.98
N PHE A 69 17.71 11.47 7.16
CA PHE A 69 17.73 12.38 8.29
C PHE A 69 18.67 13.58 8.27
N GLY A 70 19.82 13.45 7.61
CA GLY A 70 20.73 14.58 7.54
C GLY A 70 20.03 15.73 6.83
N GLY A 71 19.32 15.41 5.76
CA GLY A 71 18.58 16.41 5.02
C GLY A 71 17.57 17.13 5.90
N TYR A 72 16.84 16.37 6.72
CA TYR A 72 15.83 16.97 7.60
C TYR A 72 16.49 17.85 8.66
N ALA A 73 17.57 17.36 9.25
CA ALA A 73 18.28 18.12 10.28
C ALA A 73 18.78 19.46 9.73
N GLN A 74 19.39 19.44 8.56
CA GLN A 74 19.90 20.67 7.94
C GLN A 74 18.80 21.71 7.81
N SER A 75 17.58 21.24 7.59
CA SER A 75 16.42 22.11 7.43
C SER A 75 15.76 22.45 8.77
N GLY A 76 16.39 22.05 9.87
CA GLY A 76 15.84 22.31 11.18
C GLY A 76 14.51 21.65 11.44
N LEU A 77 14.28 20.47 10.86
CA LEU A 77 13.01 19.77 11.05
C LEU A 77 13.06 18.74 12.19
N LEU A 78 14.24 18.50 12.73
CA LEU A 78 14.39 17.51 13.80
C LEU A 78 14.88 18.07 15.11
N ALA A 79 14.26 17.60 16.19
CA ALA A 79 14.66 18.03 17.52
C ALA A 79 15.87 17.19 17.89
N GLU A 80 16.79 17.77 18.66
CA GLU A 80 17.98 17.02 19.07
C GLU A 80 17.52 16.09 20.19
N ILE A 81 17.81 14.80 20.07
CA ILE A 81 17.40 13.87 21.12
C ILE A 81 18.37 13.97 22.30
N THR A 82 17.84 13.76 23.50
CA THR A 82 18.62 13.89 24.72
C THR A 82 18.85 12.63 25.58
N PRO A 83 19.26 11.51 24.96
CA PRO A 83 19.48 10.29 25.75
C PRO A 83 20.70 10.39 26.68
N ASP A 84 20.55 9.91 27.91
CA ASP A 84 21.66 9.95 28.87
C ASP A 84 22.60 8.78 28.63
N LYS A 85 23.79 8.86 29.23
CA LYS A 85 24.82 7.83 29.09
C LYS A 85 24.35 6.41 29.36
N ALA A 86 23.52 6.22 30.39
CA ALA A 86 23.04 4.88 30.71
C ALA A 86 22.22 4.28 29.56
N PHE A 87 21.44 5.12 28.90
CA PHE A 87 20.61 4.65 27.78
C PHE A 87 21.47 4.45 26.54
N GLN A 88 22.37 5.39 26.27
CA GLN A 88 23.24 5.28 25.10
C GLN A 88 24.01 3.97 25.14
N ASP A 89 24.42 3.56 26.34
CA ASP A 89 25.18 2.33 26.51
C ASP A 89 24.36 1.08 26.21
N LYS A 90 23.03 1.22 26.10
CA LYS A 90 22.18 0.08 25.82
C LYS A 90 22.08 -0.23 24.33
N LEU A 91 22.58 0.68 23.49
CA LEU A 91 22.57 0.46 22.04
C LEU A 91 24.00 0.49 21.49
N TYR A 92 24.28 -0.41 20.54
CA TYR A 92 25.61 -0.47 19.92
C TYR A 92 26.04 0.91 19.43
N PRO A 93 27.25 1.34 19.83
CA PRO A 93 27.75 2.64 19.40
C PRO A 93 27.80 2.92 17.90
N PHE A 94 27.95 1.90 17.07
CA PHE A 94 27.99 2.16 15.64
C PHE A 94 26.62 2.58 15.10
N THR A 95 25.56 2.21 15.81
CA THR A 95 24.23 2.62 15.37
C THR A 95 24.01 4.08 15.76
N TRP A 96 24.68 4.53 16.83
CA TRP A 96 24.57 5.92 17.28
C TRP A 96 25.27 6.83 16.26
N ASP A 97 26.41 6.40 15.72
CA ASP A 97 27.12 7.20 14.74
C ASP A 97 26.26 7.39 13.48
N ALA A 98 25.40 6.42 13.18
CA ALA A 98 24.53 6.49 12.01
C ALA A 98 23.51 7.62 12.08
N VAL A 99 23.16 8.06 13.28
CA VAL A 99 22.19 9.12 13.45
C VAL A 99 22.82 10.39 14.03
N ARG A 100 24.13 10.53 13.86
CA ARG A 100 24.80 11.71 14.37
C ARG A 100 24.93 12.65 13.19
N TYR A 101 24.55 13.91 13.38
CA TYR A 101 24.66 14.89 12.31
C TYR A 101 25.17 16.21 12.86
N ASN A 102 26.32 16.65 12.36
CA ASN A 102 26.93 17.90 12.82
C ASN A 102 27.26 17.81 14.30
N GLY A 103 27.79 16.65 14.72
CA GLY A 103 28.14 16.47 16.11
C GLY A 103 26.95 16.32 17.04
N LYS A 104 25.75 16.24 16.47
CA LYS A 104 24.54 16.10 17.30
C LYS A 104 23.68 14.89 16.93
N LEU A 105 23.08 14.25 17.93
CA LEU A 105 22.20 13.10 17.69
C LEU A 105 20.84 13.63 17.25
N ILE A 106 20.41 13.22 16.07
CA ILE A 106 19.14 13.67 15.54
C ILE A 106 18.03 12.62 15.50
N ALA A 107 18.30 11.42 16.01
CA ALA A 107 17.30 10.37 16.00
C ALA A 107 17.74 9.14 16.82
N TYR A 108 16.80 8.26 17.12
CA TYR A 108 17.10 7.05 17.87
C TYR A 108 17.28 5.88 16.89
N PRO A 109 18.41 5.16 16.98
CA PRO A 109 18.60 4.03 16.07
C PRO A 109 17.65 2.94 16.56
N ILE A 110 17.06 2.20 15.63
CA ILE A 110 16.14 1.14 16.00
C ILE A 110 16.67 -0.21 15.55
N ALA A 111 17.04 -0.29 14.27
CA ALA A 111 17.55 -1.55 13.72
C ALA A 111 18.46 -1.35 12.51
N VAL A 112 19.31 -2.34 12.27
CA VAL A 112 20.23 -2.30 11.16
C VAL A 112 19.84 -3.38 10.18
N TYR A 113 19.75 -3.02 8.90
CA TYR A 113 19.38 -3.98 7.88
C TYR A 113 20.12 -3.78 6.57
N ALA A 114 20.15 -4.84 5.78
CA ALA A 114 20.79 -4.86 4.48
C ALA A 114 20.14 -5.97 3.66
N LEU A 115 20.28 -5.91 2.35
CA LEU A 115 19.69 -6.90 1.45
C LEU A 115 20.52 -8.19 1.41
N SER A 116 19.83 -9.32 1.24
CA SER A 116 20.49 -10.62 1.14
C SER A 116 19.90 -11.36 -0.05
N LEU A 117 20.59 -12.42 -0.47
CA LEU A 117 20.09 -13.26 -1.56
C LEU A 117 19.17 -14.29 -0.90
N ILE A 118 17.92 -14.38 -1.38
CA ILE A 118 16.98 -15.35 -0.83
C ILE A 118 16.73 -16.37 -1.94
N TYR A 119 16.83 -17.66 -1.61
CA TYR A 119 16.67 -18.70 -2.62
C TYR A 119 15.80 -19.88 -2.16
N ASN A 120 15.12 -20.50 -3.13
CA ASN A 120 14.23 -21.64 -2.87
C ASN A 120 15.07 -22.92 -2.76
N LYS A 121 15.27 -23.42 -1.54
CA LYS A 121 16.08 -24.62 -1.33
C LYS A 121 15.65 -25.84 -2.15
N ASP A 122 14.36 -25.94 -2.46
CA ASP A 122 13.87 -27.09 -3.23
C ASP A 122 14.03 -26.90 -4.73
N LEU A 123 14.20 -25.66 -5.16
CA LEU A 123 14.38 -25.40 -6.58
C LEU A 123 15.86 -25.27 -6.90
N LEU A 124 16.64 -24.87 -5.92
CA LEU A 124 18.07 -24.65 -6.09
C LEU A 124 18.83 -24.96 -4.79
N PRO A 125 19.19 -26.24 -4.57
CA PRO A 125 19.92 -26.64 -3.36
C PRO A 125 21.21 -25.86 -3.11
N ASN A 126 21.90 -25.49 -4.17
CA ASN A 126 23.14 -24.73 -4.02
C ASN A 126 23.08 -23.41 -4.79
N PRO A 127 22.74 -22.32 -4.08
CA PRO A 127 22.65 -21.01 -4.72
C PRO A 127 23.97 -20.57 -5.39
N PRO A 128 23.88 -19.78 -6.48
CA PRO A 128 25.02 -19.28 -7.24
C PRO A 128 25.87 -18.33 -6.39
N LYS A 129 27.18 -18.45 -6.48
CA LYS A 129 28.05 -17.56 -5.72
C LYS A 129 28.42 -16.34 -6.55
N THR A 130 28.12 -16.40 -7.84
CA THR A 130 28.46 -15.31 -8.73
C THR A 130 27.28 -14.86 -9.58
N TRP A 131 27.30 -13.59 -9.97
CA TRP A 131 26.25 -13.02 -10.82
C TRP A 131 26.40 -13.58 -12.23
N GLU A 132 27.65 -13.75 -12.66
CA GLU A 132 27.95 -14.26 -13.99
C GLU A 132 27.25 -15.58 -14.34
N GLU A 133 27.07 -16.46 -13.36
CA GLU A 133 26.43 -17.73 -13.67
C GLU A 133 24.89 -17.73 -13.68
N ILE A 134 24.27 -16.59 -13.37
CA ILE A 134 22.81 -16.53 -13.37
C ILE A 134 22.17 -16.66 -14.77
N PRO A 135 22.75 -16.02 -15.80
CA PRO A 135 22.13 -16.17 -17.13
C PRO A 135 21.97 -17.64 -17.54
N ALA A 136 23.06 -18.39 -17.49
CA ALA A 136 23.02 -19.81 -17.85
C ALA A 136 22.04 -20.53 -16.95
N LEU A 137 22.05 -20.20 -15.67
CA LEU A 137 21.13 -20.84 -14.74
C LEU A 137 19.68 -20.51 -15.08
N ASP A 138 19.42 -19.30 -15.57
CA ASP A 138 18.07 -18.91 -15.92
C ASP A 138 17.55 -19.71 -17.12
N LYS A 139 18.36 -19.81 -18.15
CA LYS A 139 18.00 -20.56 -19.35
C LYS A 139 17.62 -21.98 -18.94
N GLU A 140 18.43 -22.55 -18.04
CA GLU A 140 18.22 -23.89 -17.54
C GLU A 140 16.89 -24.03 -16.82
N LEU A 141 16.53 -23.04 -16.01
CA LEU A 141 15.27 -23.07 -15.26
C LEU A 141 14.08 -22.77 -16.18
N LYS A 142 14.38 -22.23 -17.36
CA LYS A 142 13.33 -21.91 -18.32
C LYS A 142 12.78 -23.21 -18.88
N ALA A 143 13.62 -24.23 -18.88
CA ALA A 143 13.23 -25.55 -19.38
C ALA A 143 12.29 -26.23 -18.41
N LYS A 144 11.67 -25.42 -17.54
CA LYS A 144 10.74 -25.92 -16.54
C LYS A 144 9.71 -24.84 -16.28
N GLY A 145 9.69 -23.84 -17.15
CA GLY A 145 8.73 -22.75 -17.01
C GLY A 145 9.02 -21.86 -15.81
N LYS A 146 10.25 -21.93 -15.29
CA LYS A 146 10.65 -21.12 -14.14
C LYS A 146 11.78 -20.14 -14.46
N SER A 147 12.00 -19.17 -13.59
CA SER A 147 13.07 -18.21 -13.82
C SER A 147 14.10 -18.31 -12.70
N ALA A 148 15.29 -17.78 -12.91
CA ALA A 148 16.33 -17.87 -11.91
C ALA A 148 16.23 -16.84 -10.80
N LEU A 149 16.07 -15.58 -11.18
CA LEU A 149 16.03 -14.52 -10.20
C LEU A 149 15.08 -13.38 -10.51
N MET A 150 14.28 -13.00 -9.52
CA MET A 150 13.36 -11.87 -9.68
C MET A 150 13.44 -10.98 -8.43
N PHE A 151 13.61 -9.69 -8.64
CA PHE A 151 13.68 -8.72 -7.55
C PHE A 151 13.30 -7.33 -8.07
N ASN A 152 12.90 -6.45 -7.16
CA ASN A 152 12.47 -5.10 -7.52
C ASN A 152 13.52 -4.26 -8.26
N LEU A 153 13.29 -4.04 -9.55
CA LEU A 153 14.21 -3.26 -10.36
C LEU A 153 13.83 -1.78 -10.41
N GLN A 154 12.72 -1.42 -9.78
CA GLN A 154 12.25 -0.03 -9.77
C GLN A 154 12.94 0.89 -8.77
N GLU A 155 13.43 0.32 -7.68
CA GLU A 155 14.11 1.09 -6.63
C GLU A 155 15.60 0.81 -6.63
N PRO A 156 16.42 1.85 -6.76
CA PRO A 156 17.87 1.67 -6.78
C PRO A 156 18.51 1.03 -5.55
N TYR A 157 17.76 0.96 -4.44
CA TYR A 157 18.32 0.34 -3.25
C TYR A 157 18.61 -1.13 -3.56
N PHE A 158 17.76 -1.71 -4.40
CA PHE A 158 17.85 -3.12 -4.79
C PHE A 158 18.92 -3.43 -5.83
N THR A 159 19.17 -2.50 -6.73
CA THR A 159 20.17 -2.68 -7.78
C THR A 159 21.55 -2.13 -7.42
N TRP A 160 21.63 -1.26 -6.42
CA TRP A 160 22.90 -0.65 -6.04
C TRP A 160 24.00 -1.61 -5.61
N PRO A 161 23.66 -2.73 -4.96
CA PRO A 161 24.69 -3.69 -4.52
C PRO A 161 25.54 -4.20 -5.69
N LEU A 162 24.92 -4.44 -6.84
CA LEU A 162 25.64 -4.91 -8.01
C LEU A 162 26.49 -3.79 -8.60
N ILE A 163 25.89 -2.62 -8.74
CA ILE A 163 26.57 -1.44 -9.29
C ILE A 163 27.85 -1.07 -8.55
N ALA A 164 27.82 -1.16 -7.22
CA ALA A 164 28.99 -0.79 -6.42
C ALA A 164 30.05 -1.89 -6.35
N ALA A 165 29.66 -3.11 -6.73
CA ALA A 165 30.57 -4.25 -6.66
C ALA A 165 31.97 -4.03 -7.23
N ASP A 166 32.03 -3.67 -8.51
CA ASP A 166 33.31 -3.47 -9.19
C ASP A 166 33.92 -2.08 -9.02
N GLY A 167 33.38 -1.27 -8.11
CA GLY A 167 33.96 0.05 -7.90
C GLY A 167 33.06 1.28 -7.89
N GLY A 168 31.76 1.10 -8.08
CA GLY A 168 30.87 2.24 -8.06
C GLY A 168 30.64 2.70 -6.63
N TYR A 169 30.34 3.98 -6.44
CA TYR A 169 30.09 4.49 -5.09
C TYR A 169 29.38 5.83 -5.12
N ALA A 170 28.82 6.24 -3.98
CA ALA A 170 28.09 7.49 -3.92
C ALA A 170 29.00 8.67 -3.60
N PHE A 171 29.29 8.87 -2.32
CA PHE A 171 30.14 9.97 -1.88
C PHE A 171 31.29 9.38 -1.06
N LYS A 172 32.53 9.61 -1.48
CA LYS A 172 33.66 9.07 -0.73
C LYS A 172 33.76 9.74 0.63
N TYR A 173 33.91 8.91 1.66
CA TYR A 173 34.06 9.42 3.02
C TYR A 173 35.55 9.56 3.25
N GLU A 174 36.02 10.80 3.34
CA GLU A 174 37.43 11.06 3.53
C GLU A 174 37.69 12.39 4.25
N ASN A 175 38.72 12.40 5.08
CA ASN A 175 39.09 13.60 5.86
C ASN A 175 38.06 13.88 6.94
N GLY A 176 37.36 12.84 7.40
CA GLY A 176 36.38 13.04 8.44
C GLY A 176 34.98 13.43 8.00
N LYS A 177 34.74 13.44 6.69
CA LYS A 177 33.41 13.81 6.16
C LYS A 177 33.20 13.26 4.76
N TYR A 178 31.96 13.36 4.28
CA TYR A 178 31.64 12.89 2.94
C TYR A 178 31.95 13.96 1.89
N ASP A 179 32.79 13.62 0.93
CA ASP A 179 33.16 14.53 -0.14
C ASP A 179 32.00 14.53 -1.13
N ILE A 180 31.26 15.63 -1.21
CA ILE A 180 30.11 15.70 -2.10
C ILE A 180 30.46 15.95 -3.56
N LYS A 181 31.73 16.13 -3.86
CA LYS A 181 32.14 16.33 -5.24
C LYS A 181 32.78 15.06 -5.80
N ASP A 182 33.28 14.21 -4.91
CA ASP A 182 33.91 12.96 -5.31
C ASP A 182 32.84 11.87 -5.35
N VAL A 183 32.13 11.82 -6.47
CA VAL A 183 31.03 10.87 -6.68
C VAL A 183 31.39 9.76 -7.67
N GLY A 184 31.06 8.52 -7.35
CA GLY A 184 31.40 7.43 -8.24
C GLY A 184 30.26 6.71 -8.94
N VAL A 185 29.29 7.43 -9.47
CA VAL A 185 28.19 6.75 -10.15
C VAL A 185 28.48 6.58 -11.63
N ASP A 186 29.46 7.34 -12.13
CA ASP A 186 29.81 7.31 -13.54
C ASP A 186 31.17 6.65 -13.83
N ASN A 187 31.77 5.97 -12.85
CA ASN A 187 33.05 5.34 -13.11
C ASN A 187 32.95 3.96 -13.77
N ALA A 188 34.11 3.36 -14.02
CA ALA A 188 34.18 2.06 -14.67
C ALA A 188 33.45 0.97 -13.89
N GLY A 189 33.69 0.94 -12.58
CA GLY A 189 33.06 -0.05 -11.74
C GLY A 189 31.55 0.01 -11.84
N ALA A 190 31.01 1.22 -11.72
CA ALA A 190 29.56 1.41 -11.78
C ALA A 190 29.00 1.08 -13.16
N LYS A 191 29.72 1.44 -14.21
CA LYS A 191 29.27 1.15 -15.56
C LYS A 191 29.23 -0.35 -15.83
N ALA A 192 30.25 -1.06 -15.37
CA ALA A 192 30.32 -2.52 -15.57
C ALA A 192 29.11 -3.22 -14.91
N GLY A 193 28.82 -2.84 -13.67
CA GLY A 193 27.71 -3.43 -12.94
C GLY A 193 26.34 -3.18 -13.55
N LEU A 194 26.07 -1.94 -13.97
CA LEU A 194 24.78 -1.62 -14.56
C LEU A 194 24.65 -2.23 -15.96
N THR A 195 25.77 -2.34 -16.67
CA THR A 195 25.75 -2.94 -18.01
C THR A 195 25.32 -4.40 -17.91
N PHE A 196 25.79 -5.07 -16.87
CA PHE A 196 25.44 -6.47 -16.66
C PHE A 196 23.96 -6.61 -16.36
N LEU A 197 23.45 -5.72 -15.52
CA LEU A 197 22.03 -5.74 -15.16
C LEU A 197 21.17 -5.52 -16.39
N VAL A 198 21.48 -4.48 -17.13
CA VAL A 198 20.75 -4.13 -18.34
C VAL A 198 20.85 -5.25 -19.39
N ASP A 199 21.97 -5.97 -19.42
CA ASP A 199 22.11 -7.07 -20.36
C ASP A 199 21.14 -8.20 -19.96
N LEU A 200 20.99 -8.42 -18.66
CA LEU A 200 20.08 -9.45 -18.17
C LEU A 200 18.64 -9.12 -18.59
N ILE A 201 18.31 -7.83 -18.60
CA ILE A 201 16.99 -7.36 -18.96
C ILE A 201 16.75 -7.41 -20.47
N LYS A 202 17.72 -6.96 -21.26
CA LYS A 202 17.55 -6.98 -22.70
C LYS A 202 17.61 -8.39 -23.26
N ASN A 203 18.44 -9.23 -22.66
CA ASN A 203 18.58 -10.63 -23.08
C ASN A 203 17.38 -11.42 -22.59
N LYS A 204 16.46 -10.72 -21.94
CA LYS A 204 15.22 -11.29 -21.43
C LYS A 204 15.28 -12.24 -20.24
N HIS A 205 16.35 -12.18 -19.44
CA HIS A 205 16.45 -13.03 -18.26
C HIS A 205 15.70 -12.38 -17.11
N MET A 206 15.37 -11.12 -17.31
CA MET A 206 14.60 -10.31 -16.36
C MET A 206 13.74 -9.32 -17.13
N ASN A 207 12.72 -8.77 -16.49
CA ASN A 207 11.84 -7.80 -17.12
C ASN A 207 11.94 -6.45 -16.42
N ALA A 208 12.23 -5.41 -17.18
CA ALA A 208 12.35 -4.06 -16.63
C ALA A 208 11.14 -3.60 -15.81
N ASP A 209 9.99 -4.25 -15.99
CA ASP A 209 8.79 -3.87 -15.26
C ASP A 209 8.67 -4.51 -13.88
N THR A 210 9.49 -5.52 -13.60
CA THR A 210 9.44 -6.20 -12.31
C THR A 210 9.59 -5.20 -11.17
N ASP A 211 8.61 -5.21 -10.26
CA ASP A 211 8.60 -4.32 -9.11
C ASP A 211 8.50 -5.17 -7.84
N TYR A 212 8.30 -4.53 -6.70
CA TYR A 212 8.21 -5.25 -5.43
C TYR A 212 7.12 -6.33 -5.40
N SER A 213 5.93 -6.02 -5.94
CA SER A 213 4.81 -6.97 -5.97
C SER A 213 5.10 -8.20 -6.80
N ILE A 214 5.58 -7.96 -8.02
CA ILE A 214 5.93 -9.00 -8.97
C ILE A 214 6.96 -9.98 -8.40
N ALA A 215 8.08 -9.45 -7.92
CA ALA A 215 9.13 -10.28 -7.38
C ALA A 215 8.69 -11.10 -6.17
N GLU A 216 7.91 -10.48 -5.29
CA GLU A 216 7.44 -11.14 -4.08
C GLU A 216 6.47 -12.28 -4.42
N ALA A 217 5.51 -11.99 -5.27
CA ALA A 217 4.53 -13.00 -5.67
C ALA A 217 5.24 -14.16 -6.36
N ALA A 218 6.17 -13.84 -7.25
CA ALA A 218 6.89 -14.87 -7.98
C ALA A 218 7.66 -15.79 -7.07
N PHE A 219 8.41 -15.23 -6.12
CA PHE A 219 9.19 -16.07 -5.23
C PHE A 219 8.31 -16.82 -4.23
N ASN A 220 7.28 -16.15 -3.69
CA ASN A 220 6.41 -16.81 -2.72
C ASN A 220 5.46 -17.86 -3.31
N LYS A 221 5.37 -17.90 -4.64
CA LYS A 221 4.55 -18.87 -5.35
C LYS A 221 5.49 -19.91 -5.97
N GLY A 222 6.77 -19.84 -5.60
CA GLY A 222 7.76 -20.77 -6.08
C GLY A 222 7.97 -20.78 -7.59
N GLU A 223 7.82 -19.62 -8.21
CA GLU A 223 7.97 -19.53 -9.66
C GLU A 223 9.36 -19.08 -10.07
N THR A 224 10.11 -18.52 -9.11
CA THR A 224 11.47 -18.08 -9.38
C THR A 224 12.36 -18.62 -8.27
N ALA A 225 13.55 -19.09 -8.63
CA ALA A 225 14.48 -19.68 -7.66
C ALA A 225 15.06 -18.71 -6.66
N MET A 226 15.24 -17.45 -7.04
CA MET A 226 15.83 -16.47 -6.13
C MET A 226 15.19 -15.09 -6.18
N THR A 227 15.49 -14.29 -5.16
CA THR A 227 15.02 -12.93 -5.08
C THR A 227 15.98 -12.20 -4.15
N ILE A 228 15.96 -10.87 -4.19
CA ILE A 228 16.81 -10.06 -3.34
C ILE A 228 15.87 -9.22 -2.49
N ASN A 229 16.04 -9.28 -1.16
CA ASN A 229 15.17 -8.52 -0.29
C ASN A 229 15.75 -8.36 1.11
N GLY A 230 15.06 -7.59 1.94
CA GLY A 230 15.51 -7.34 3.30
C GLY A 230 14.75 -8.15 4.33
N PRO A 231 15.10 -8.08 5.62
CA PRO A 231 14.43 -8.82 6.70
C PRO A 231 12.90 -8.69 6.71
N TRP A 232 12.38 -7.52 6.39
CA TRP A 232 10.94 -7.28 6.39
C TRP A 232 10.11 -8.23 5.52
N ALA A 233 10.75 -8.84 4.52
CA ALA A 233 10.06 -9.75 3.62
C ALA A 233 9.93 -11.17 4.15
N TRP A 234 10.72 -11.52 5.15
CA TRP A 234 10.69 -12.89 5.69
C TRP A 234 9.33 -13.36 6.17
N SER A 235 8.53 -12.46 6.72
CA SER A 235 7.22 -12.82 7.22
C SER A 235 6.30 -13.42 6.17
N ASN A 236 6.20 -12.79 5.01
CA ASN A 236 5.34 -13.31 3.96
C ASN A 236 5.89 -14.61 3.39
N ILE A 237 7.22 -14.73 3.34
CA ILE A 237 7.83 -15.95 2.82
C ILE A 237 7.53 -17.14 3.76
N ASP A 238 7.51 -16.89 5.06
CA ASP A 238 7.21 -17.95 6.03
C ASP A 238 5.78 -18.40 5.79
N THR A 239 4.90 -17.43 5.59
CA THR A 239 3.49 -17.71 5.35
C THR A 239 3.24 -18.48 4.06
N SER A 240 4.09 -18.27 3.06
CA SER A 240 3.93 -18.96 1.78
C SER A 240 4.36 -20.42 1.86
N LYS A 241 5.11 -20.75 2.90
CA LYS A 241 5.60 -22.11 3.11
C LYS A 241 6.76 -22.56 2.23
N VAL A 242 7.39 -21.60 1.53
CA VAL A 242 8.55 -21.92 0.70
C VAL A 242 9.73 -22.31 1.59
N ASN A 243 10.43 -23.38 1.23
CA ASN A 243 11.60 -23.77 2.02
C ASN A 243 12.68 -22.88 1.43
N TYR A 244 12.99 -21.80 2.13
CA TYR A 244 13.97 -20.82 1.66
C TYR A 244 15.20 -20.70 2.52
N GLY A 245 16.23 -20.11 1.93
CA GLY A 245 17.48 -19.86 2.62
C GLY A 245 17.85 -18.39 2.41
N VAL A 246 18.58 -17.81 3.35
CA VAL A 246 19.00 -16.42 3.26
C VAL A 246 20.52 -16.46 3.24
N THR A 247 21.15 -15.99 2.17
CA THR A 247 22.59 -16.05 2.07
C THR A 247 23.27 -14.80 1.49
N VAL A 248 24.60 -14.87 1.34
CA VAL A 248 25.39 -13.77 0.81
C VAL A 248 25.01 -13.48 -0.65
N LEU A 249 25.00 -12.20 -1.01
CA LEU A 249 24.67 -11.83 -2.39
C LEU A 249 25.77 -12.38 -3.28
N PRO A 250 25.44 -12.67 -4.55
CA PRO A 250 26.51 -13.19 -5.41
C PRO A 250 27.59 -12.15 -5.70
N THR A 251 28.76 -12.60 -6.13
CA THR A 251 29.86 -11.73 -6.46
C THR A 251 29.80 -11.25 -7.90
N PHE A 252 30.49 -10.16 -8.19
CA PHE A 252 30.55 -9.62 -9.54
C PHE A 252 32.02 -9.34 -9.90
N LYS A 253 32.46 -9.93 -11.01
CA LYS A 253 33.85 -9.77 -11.45
C LYS A 253 34.76 -10.11 -10.29
N GLY A 254 34.40 -11.18 -9.58
CA GLY A 254 35.20 -11.65 -8.45
C GLY A 254 35.09 -10.86 -7.16
N GLN A 255 34.25 -9.83 -7.12
CA GLN A 255 34.12 -9.03 -5.91
C GLN A 255 32.72 -9.14 -5.30
N PRO A 256 32.63 -8.98 -3.98
CA PRO A 256 31.32 -9.06 -3.31
C PRO A 256 30.37 -7.93 -3.69
N SER A 257 29.07 -8.23 -3.65
CA SER A 257 28.11 -7.18 -3.94
C SER A 257 28.14 -6.35 -2.66
N LYS A 258 28.02 -5.03 -2.80
CA LYS A 258 28.11 -4.13 -1.65
C LYS A 258 26.78 -3.42 -1.37
N PRO A 259 25.91 -4.05 -0.57
CA PRO A 259 24.62 -3.43 -0.25
C PRO A 259 24.78 -2.20 0.64
N PHE A 260 23.89 -1.23 0.47
CA PHE A 260 23.94 -0.03 1.31
C PHE A 260 23.20 -0.41 2.58
N VAL A 261 23.89 -0.31 3.73
CA VAL A 261 23.30 -0.65 5.01
C VAL A 261 22.47 0.49 5.58
N GLY A 262 21.21 0.22 5.91
CA GLY A 262 20.36 1.24 6.48
C GLY A 262 20.10 1.02 7.97
N VAL A 263 19.96 2.12 8.70
CA VAL A 263 19.63 2.03 10.11
C VAL A 263 18.26 2.67 10.30
N LEU A 264 17.23 1.86 10.52
CA LEU A 264 15.87 2.39 10.72
C LEU A 264 15.98 3.27 11.96
N SER A 265 15.58 4.53 11.83
CA SER A 265 15.70 5.49 12.91
C SER A 265 14.41 6.26 13.20
N ALA A 266 14.24 6.65 14.46
CA ALA A 266 13.08 7.41 14.88
C ALA A 266 13.49 8.83 15.21
N GLY A 267 13.04 9.79 14.41
CA GLY A 267 13.37 11.18 14.66
C GLY A 267 12.14 11.91 15.17
N ILE A 268 12.33 12.93 16.01
CA ILE A 268 11.22 13.70 16.56
C ILE A 268 11.07 15.06 15.87
N ASN A 269 9.86 15.33 15.37
CA ASN A 269 9.54 16.58 14.68
C ASN A 269 9.90 17.78 15.56
N ALA A 270 10.62 18.72 14.98
CA ALA A 270 11.02 19.92 15.71
C ALA A 270 9.79 20.72 16.14
N ALA A 271 8.74 20.67 15.31
CA ALA A 271 7.50 21.41 15.59
C ALA A 271 6.53 20.67 16.51
N SER A 272 6.96 19.57 17.10
CA SER A 272 6.10 18.80 17.99
C SER A 272 5.95 19.34 19.41
N PRO A 273 4.71 19.32 19.94
CA PRO A 273 4.37 19.79 21.28
C PRO A 273 4.43 18.61 22.26
N ASN A 274 4.79 17.44 21.74
CA ASN A 274 4.86 16.23 22.55
C ASN A 274 6.26 15.62 22.58
N LYS A 275 7.29 16.45 22.63
CA LYS A 275 8.65 15.92 22.64
C LYS A 275 8.98 15.08 23.87
N GLU A 276 8.38 15.42 25.01
CA GLU A 276 8.65 14.66 26.23
C GLU A 276 8.01 13.29 26.11
N LEU A 277 6.79 13.26 25.59
CA LEU A 277 6.05 12.02 25.42
C LEU A 277 6.73 11.14 24.36
N ALA A 278 7.26 11.77 23.31
CA ALA A 278 7.94 11.03 22.26
C ALA A 278 9.15 10.31 22.84
N LYS A 279 9.95 11.04 23.62
CA LYS A 279 11.15 10.49 24.25
C LYS A 279 10.80 9.29 25.14
N GLU A 280 9.76 9.46 25.96
CA GLU A 280 9.31 8.43 26.87
C GLU A 280 8.90 7.16 26.13
N PHE A 281 8.13 7.34 25.07
CA PHE A 281 7.69 6.21 24.25
C PHE A 281 8.87 5.47 23.63
N LEU A 282 9.75 6.21 22.97
CA LEU A 282 10.91 5.60 22.31
C LEU A 282 11.89 4.92 23.27
N GLU A 283 12.28 5.63 24.32
CA GLU A 283 13.24 5.10 25.28
C GLU A 283 12.69 4.06 26.24
N ASN A 284 11.47 4.23 26.72
CA ASN A 284 10.95 3.27 27.68
C ASN A 284 9.91 2.28 27.24
N TYR A 285 9.37 2.45 26.03
CA TYR A 285 8.39 1.49 25.53
C TYR A 285 8.88 0.78 24.28
N LEU A 286 9.39 1.53 23.31
CA LEU A 286 9.85 0.90 22.07
C LEU A 286 11.19 0.19 22.18
N LEU A 287 12.23 0.93 22.55
CA LEU A 287 13.57 0.37 22.64
C LEU A 287 13.78 -0.47 23.89
N THR A 288 13.00 -1.54 23.98
CA THR A 288 13.07 -2.49 25.10
C THR A 288 12.87 -3.86 24.45
N ASP A 289 13.21 -4.92 25.17
CA ASP A 289 13.02 -6.25 24.63
C ASP A 289 11.55 -6.44 24.18
N GLU A 290 10.64 -6.05 25.06
CA GLU A 290 9.20 -6.16 24.81
C GLU A 290 8.74 -5.40 23.56
N GLY A 291 9.09 -4.13 23.48
CA GLY A 291 8.69 -3.32 22.34
C GLY A 291 9.21 -3.81 21.01
N LEU A 292 10.52 -4.07 20.94
CA LEU A 292 11.12 -4.55 19.70
C LEU A 292 10.57 -5.90 19.28
N GLU A 293 10.35 -6.81 20.23
CA GLU A 293 9.79 -8.12 19.88
C GLU A 293 8.43 -7.92 19.24
N ALA A 294 7.65 -6.99 19.78
CA ALA A 294 6.33 -6.71 19.23
C ALA A 294 6.45 -6.32 17.75
N VAL A 295 7.29 -5.34 17.46
CA VAL A 295 7.46 -4.92 16.07
C VAL A 295 8.08 -6.08 15.27
N ASN A 296 9.14 -6.67 15.80
CA ASN A 296 9.83 -7.74 15.10
C ASN A 296 8.94 -8.94 14.73
N LYS A 297 7.97 -9.26 15.59
CA LYS A 297 7.06 -10.38 15.29
C LYS A 297 6.10 -10.03 14.16
N ASP A 298 5.96 -8.74 13.88
CA ASP A 298 5.07 -8.30 12.81
C ASP A 298 5.86 -8.44 11.52
N LYS A 299 6.94 -7.68 11.41
CA LYS A 299 7.86 -7.73 10.26
C LYS A 299 9.27 -7.72 10.84
N PRO A 300 10.09 -8.75 10.54
CA PRO A 300 11.45 -8.76 11.07
C PRO A 300 12.23 -7.46 10.76
N LEU A 301 12.88 -6.91 11.79
CA LEU A 301 13.64 -5.67 11.66
C LEU A 301 15.09 -5.86 11.19
N GLY A 302 15.65 -7.04 11.41
CA GLY A 302 17.04 -7.28 11.05
C GLY A 302 17.79 -7.33 12.37
N ALA A 303 18.98 -6.74 12.44
CA ALA A 303 19.73 -6.72 13.69
C ALA A 303 19.39 -5.44 14.45
N VAL A 304 18.64 -5.57 15.55
CA VAL A 304 18.23 -4.39 16.32
C VAL A 304 19.38 -3.67 17.04
N ALA A 305 19.20 -2.38 17.29
CA ALA A 305 20.22 -1.58 17.95
C ALA A 305 20.32 -1.88 19.43
N LEU A 306 19.27 -2.49 20.00
CA LEU A 306 19.24 -2.82 21.42
C LEU A 306 20.07 -4.08 21.67
N LYS A 307 21.19 -3.90 22.38
CA LYS A 307 22.10 -5.00 22.66
C LYS A 307 21.46 -6.23 23.31
N SER A 308 20.65 -6.00 24.34
CA SER A 308 20.00 -7.12 25.03
C SER A 308 19.14 -7.97 24.09
N TYR A 309 18.33 -7.33 23.26
CA TYR A 309 17.47 -8.07 22.35
C TYR A 309 18.24 -8.65 21.17
N GLU A 310 19.20 -7.89 20.65
CA GLU A 310 20.01 -8.35 19.52
C GLU A 310 20.72 -9.67 19.85
N GLU A 311 21.07 -9.85 21.11
CA GLU A 311 21.76 -11.06 21.52
C GLU A 311 20.85 -12.28 21.37
N GLU A 312 19.55 -12.08 21.57
CA GLU A 312 18.58 -13.16 21.44
C GLU A 312 18.25 -13.43 19.98
N LEU A 313 18.44 -12.43 19.13
CA LEU A 313 18.16 -12.57 17.69
C LEU A 313 19.38 -13.06 16.92
N ALA A 314 20.57 -12.65 17.37
CA ALA A 314 21.83 -13.03 16.72
C ALA A 314 21.89 -14.52 16.33
N LYS A 315 21.27 -15.36 17.14
CA LYS A 315 21.27 -16.80 16.91
C LYS A 315 20.69 -17.19 15.54
N ASP A 316 19.65 -16.48 15.13
CA ASP A 316 18.97 -16.73 13.86
C ASP A 316 19.93 -16.63 12.66
N PRO A 317 20.13 -17.73 11.94
CA PRO A 317 21.02 -17.71 10.78
C PRO A 317 20.62 -16.72 9.69
N ARG A 318 19.36 -16.34 9.64
CA ARG A 318 18.92 -15.37 8.64
C ARG A 318 19.52 -14.01 9.02
N ILE A 319 19.64 -13.75 10.32
CA ILE A 319 20.21 -12.50 10.80
C ILE A 319 21.73 -12.50 10.62
N ALA A 320 22.34 -13.67 10.77
CA ALA A 320 23.78 -13.79 10.56
C ALA A 320 24.06 -13.43 9.09
N ALA A 321 23.26 -13.98 8.19
CA ALA A 321 23.41 -13.70 6.77
C ALA A 321 23.25 -12.21 6.49
N THR A 322 22.29 -11.57 7.15
CA THR A 322 22.05 -10.14 6.94
C THR A 322 23.29 -9.34 7.34
N MET A 323 23.88 -9.70 8.48
CA MET A 323 25.06 -9.02 8.97
C MET A 323 26.26 -9.26 8.07
N GLU A 324 26.42 -10.49 7.59
CA GLU A 324 27.53 -10.77 6.70
C GLU A 324 27.45 -9.86 5.47
N ASN A 325 26.27 -9.75 4.87
CA ASN A 325 26.06 -8.89 3.70
C ASN A 325 26.29 -7.43 4.07
N ALA A 326 25.89 -7.06 5.28
CA ALA A 326 26.06 -5.69 5.77
C ALA A 326 27.54 -5.34 5.92
N GLN A 327 28.34 -6.28 6.45
CA GLN A 327 29.77 -6.04 6.64
C GLN A 327 30.52 -5.95 5.30
N LYS A 328 29.95 -6.53 4.26
CA LYS A 328 30.58 -6.48 2.96
C LYS A 328 30.18 -5.19 2.24
N GLY A 329 29.09 -4.59 2.72
CA GLY A 329 28.61 -3.37 2.11
C GLY A 329 29.10 -2.12 2.83
N GLU A 330 28.26 -1.11 2.86
CA GLU A 330 28.64 0.15 3.48
C GLU A 330 27.45 0.91 4.05
N ILE A 331 27.64 1.46 5.25
CA ILE A 331 26.61 2.22 5.93
C ILE A 331 26.33 3.42 5.04
N MET A 332 25.06 3.71 4.79
CA MET A 332 24.73 4.85 3.94
C MET A 332 25.11 6.14 4.60
N PRO A 333 25.46 7.16 3.81
CA PRO A 333 25.83 8.47 4.36
C PRO A 333 24.50 9.13 4.73
N ASN A 334 24.53 10.14 5.59
CA ASN A 334 23.28 10.81 5.96
C ASN A 334 23.30 12.28 5.60
N ILE A 335 24.16 12.68 4.67
CA ILE A 335 24.23 14.08 4.26
C ILE A 335 23.02 14.49 3.45
N PRO A 336 22.72 15.81 3.41
CA PRO A 336 21.58 16.36 2.67
C PRO A 336 21.57 15.99 1.19
N GLN A 337 22.74 15.72 0.63
CA GLN A 337 22.84 15.38 -0.79
C GLN A 337 22.36 13.96 -1.15
N MET A 338 22.06 13.14 -0.15
CA MET A 338 21.60 11.78 -0.42
C MET A 338 20.27 11.75 -1.18
N SER A 339 19.40 12.73 -0.94
CA SER A 339 18.15 12.74 -1.67
C SER A 339 18.42 12.87 -3.17
N ALA A 340 19.37 13.72 -3.50
CA ALA A 340 19.76 13.95 -4.90
C ALA A 340 20.39 12.69 -5.50
N PHE A 341 21.26 12.04 -4.74
CA PHE A 341 21.90 10.82 -5.20
C PHE A 341 20.82 9.78 -5.59
N TRP A 342 19.92 9.48 -4.67
CA TRP A 342 18.87 8.49 -4.93
C TRP A 342 17.96 8.83 -6.09
N TYR A 343 17.56 10.09 -6.20
CA TYR A 343 16.71 10.54 -7.29
C TYR A 343 17.43 10.36 -8.63
N ALA A 344 18.67 10.81 -8.71
CA ALA A 344 19.45 10.69 -9.93
C ALA A 344 19.72 9.22 -10.32
N VAL A 345 20.08 8.40 -9.35
CA VAL A 345 20.34 6.98 -9.63
C VAL A 345 19.08 6.22 -10.01
N ARG A 346 17.97 6.54 -9.33
CA ARG A 346 16.71 5.89 -9.61
C ARG A 346 16.38 6.10 -11.08
N THR A 347 16.59 7.32 -11.55
CA THR A 347 16.31 7.68 -12.93
C THR A 347 17.28 7.05 -13.92
N ALA A 348 18.56 6.99 -13.56
CA ALA A 348 19.54 6.39 -14.45
C ALA A 348 19.24 4.90 -14.69
N VAL A 349 18.98 4.16 -13.62
CA VAL A 349 18.71 2.72 -13.75
C VAL A 349 17.46 2.46 -14.57
N ILE A 350 16.43 3.26 -14.33
CA ILE A 350 15.17 3.14 -15.05
C ILE A 350 15.30 3.42 -16.54
N ASN A 351 16.04 4.47 -16.91
CA ASN A 351 16.22 4.79 -18.34
C ASN A 351 17.12 3.76 -19.01
N ALA A 352 18.21 3.37 -18.36
CA ALA A 352 19.10 2.38 -18.93
C ALA A 352 18.35 1.07 -19.17
N ALA A 353 17.55 0.66 -18.19
CA ALA A 353 16.79 -0.58 -18.27
C ALA A 353 15.63 -0.55 -19.26
N SER A 354 15.07 0.63 -19.52
CA SER A 354 13.94 0.74 -20.44
C SER A 354 14.38 1.12 -21.84
N GLY A 355 15.69 1.19 -22.06
CA GLY A 355 16.22 1.53 -23.37
C GLY A 355 16.28 3.00 -23.72
N ARG A 356 15.50 3.83 -23.04
CA ARG A 356 15.49 5.27 -23.32
C ARG A 356 16.87 5.94 -23.22
N GLN A 357 17.85 5.17 -22.77
CA GLN A 357 19.22 5.68 -22.63
C GLN A 357 20.21 4.54 -22.55
N THR A 358 21.43 4.80 -23.01
CA THR A 358 22.50 3.80 -22.95
C THR A 358 23.02 3.88 -21.51
N VAL A 359 23.69 2.82 -21.04
CA VAL A 359 24.22 2.85 -19.68
C VAL A 359 25.10 4.08 -19.48
N ASP A 360 26.02 4.32 -20.42
CA ASP A 360 26.92 5.46 -20.33
C ASP A 360 26.19 6.79 -20.19
N GLU A 361 25.22 7.05 -21.07
CA GLU A 361 24.47 8.29 -20.99
C GLU A 361 23.87 8.43 -19.60
N ALA A 362 23.03 7.46 -19.26
CA ALA A 362 22.32 7.43 -17.99
C ALA A 362 23.17 7.82 -16.80
N LEU A 363 24.30 7.13 -16.63
CA LEU A 363 25.19 7.39 -15.51
C LEU A 363 25.84 8.78 -15.61
N LYS A 364 26.25 9.17 -16.83
CA LYS A 364 26.86 10.49 -16.98
C LYS A 364 25.88 11.56 -16.47
N ASP A 365 24.62 11.48 -16.89
CA ASP A 365 23.61 12.45 -16.44
C ASP A 365 23.33 12.39 -14.94
N ALA A 366 23.34 11.19 -14.36
CA ALA A 366 23.12 11.08 -12.92
C ALA A 366 24.27 11.77 -12.21
N GLN A 367 25.50 11.42 -12.61
CA GLN A 367 26.69 12.00 -12.00
C GLN A 367 26.67 13.52 -12.09
N THR A 368 26.39 14.05 -13.28
CA THR A 368 26.36 15.49 -13.46
C THR A 368 25.32 16.14 -12.54
N ARG A 369 24.14 15.55 -12.45
CA ARG A 369 23.08 16.10 -11.62
C ARG A 369 23.37 16.00 -10.12
N ILE A 370 24.14 14.99 -9.72
CA ILE A 370 24.48 14.81 -8.32
C ILE A 370 25.53 15.83 -7.86
N THR A 371 26.43 16.19 -8.77
CA THR A 371 27.47 17.15 -8.43
C THR A 371 27.18 18.58 -8.94
N LYS A 372 26.16 18.73 -9.77
CA LYS A 372 25.82 20.05 -10.32
C LYS A 372 25.90 21.12 -9.23
N ILE B 4 2.50 3.21 -21.81
CA ILE B 4 1.96 2.12 -22.68
C ILE B 4 2.96 1.69 -23.75
N GLU B 5 2.60 0.63 -24.47
CA GLU B 5 3.42 0.08 -25.55
C GLU B 5 2.50 -0.66 -26.51
N GLU B 6 2.68 -0.43 -27.80
CA GLU B 6 1.85 -1.04 -28.84
C GLU B 6 1.83 -2.57 -28.87
N GLY B 7 2.72 -3.21 -28.11
CA GLY B 7 2.74 -4.66 -28.13
C GLY B 7 2.48 -5.35 -26.81
N LYS B 8 2.06 -4.60 -25.80
CA LYS B 8 1.81 -5.20 -24.49
C LYS B 8 0.63 -4.52 -23.82
N LEU B 9 0.22 -5.04 -22.66
CA LEU B 9 -0.90 -4.47 -21.93
C LEU B 9 -0.54 -4.02 -20.52
N VAL B 10 -0.88 -2.78 -20.18
CA VAL B 10 -0.64 -2.24 -18.86
C VAL B 10 -2.02 -2.13 -18.19
N ILE B 11 -2.17 -2.74 -17.02
CA ILE B 11 -3.43 -2.71 -16.29
C ILE B 11 -3.32 -2.01 -14.95
N TRP B 12 -4.32 -1.21 -14.64
CA TRP B 12 -4.37 -0.50 -13.36
C TRP B 12 -5.61 -0.98 -12.62
N ILE B 13 -5.46 -1.28 -11.33
CA ILE B 13 -6.58 -1.74 -10.53
C ILE B 13 -6.37 -1.32 -9.07
N ASN B 14 -7.49 -1.06 -8.39
CA ASN B 14 -7.49 -0.66 -6.98
C ASN B 14 -6.69 -1.64 -6.11
N GLY B 15 -5.77 -1.11 -5.32
CA GLY B 15 -4.92 -1.95 -4.48
C GLY B 15 -5.63 -2.83 -3.47
N LEU B 16 -6.91 -2.58 -3.22
CA LEU B 16 -7.68 -3.36 -2.28
C LEU B 16 -8.10 -4.70 -2.86
N PHE B 17 -8.19 -4.77 -4.18
CA PHE B 17 -8.61 -6.00 -4.84
C PHE B 17 -7.46 -6.96 -5.16
N GLY B 18 -7.82 -8.10 -5.76
CA GLY B 18 -6.82 -9.10 -6.10
C GLY B 18 -5.98 -8.82 -7.32
N TYR B 19 -5.11 -7.82 -7.20
CA TYR B 19 -4.25 -7.48 -8.33
C TYR B 19 -3.25 -8.59 -8.59
N ASN B 20 -2.88 -9.34 -7.56
CA ASN B 20 -1.94 -10.46 -7.74
C ASN B 20 -2.64 -11.56 -8.52
N GLY B 21 -3.93 -11.72 -8.27
CA GLY B 21 -4.72 -12.72 -8.97
C GLY B 21 -4.89 -12.34 -10.42
N LEU B 22 -5.19 -11.06 -10.64
CA LEU B 22 -5.37 -10.52 -11.99
C LEU B 22 -4.08 -10.70 -12.80
N ALA B 23 -2.94 -10.48 -12.15
CA ALA B 23 -1.63 -10.64 -12.79
C ALA B 23 -1.46 -12.10 -13.21
N GLU B 24 -2.05 -13.01 -12.43
CA GLU B 24 -1.96 -14.44 -12.77
C GLU B 24 -2.71 -14.66 -14.07
N VAL B 25 -3.86 -14.02 -14.23
CA VAL B 25 -4.63 -14.16 -15.47
C VAL B 25 -3.78 -13.59 -16.61
N GLY B 26 -3.07 -12.51 -16.32
CA GLY B 26 -2.19 -11.90 -17.32
C GLY B 26 -1.05 -12.84 -17.66
N LYS B 27 -0.58 -13.59 -16.67
CA LYS B 27 0.51 -14.54 -16.89
C LYS B 27 0.08 -15.64 -17.87
N LYS B 28 -1.17 -16.07 -17.75
CA LYS B 28 -1.68 -17.12 -18.65
C LYS B 28 -1.87 -16.55 -20.03
N PHE B 29 -2.28 -15.29 -20.11
CA PHE B 29 -2.48 -14.63 -21.39
C PHE B 29 -1.14 -14.61 -22.16
N GLU B 30 -0.08 -14.15 -21.50
CA GLU B 30 1.23 -14.09 -22.16
C GLU B 30 1.73 -15.48 -22.57
N LYS B 31 1.45 -16.48 -21.75
CA LYS B 31 1.89 -17.83 -22.07
C LYS B 31 1.33 -18.29 -23.43
N ASP B 32 0.10 -17.91 -23.72
CA ASP B 32 -0.55 -18.32 -24.97
C ASP B 32 -0.37 -17.34 -26.13
N THR B 33 -0.33 -16.04 -25.82
CA THR B 33 -0.22 -15.01 -26.84
C THR B 33 1.17 -14.40 -26.99
N GLY B 34 2.00 -14.57 -25.97
CA GLY B 34 3.34 -14.00 -26.01
C GLY B 34 3.34 -12.57 -25.50
N ILE B 35 2.15 -11.97 -25.41
CA ILE B 35 2.01 -10.59 -24.95
C ILE B 35 2.16 -10.49 -23.42
N LYS B 36 3.00 -9.56 -22.97
CA LYS B 36 3.22 -9.37 -21.53
C LYS B 36 2.15 -8.44 -20.96
N VAL B 37 1.61 -8.82 -19.81
CA VAL B 37 0.59 -8.03 -19.13
C VAL B 37 1.15 -7.60 -17.79
N THR B 38 1.18 -6.28 -17.55
CA THR B 38 1.68 -5.76 -16.29
C THR B 38 0.53 -5.11 -15.51
N VAL B 39 0.37 -5.52 -14.26
CA VAL B 39 -0.69 -4.98 -13.41
C VAL B 39 -0.11 -4.02 -12.37
N GLU B 40 -0.68 -2.83 -12.28
CA GLU B 40 -0.22 -1.84 -11.32
C GLU B 40 -1.42 -1.47 -10.44
N HIS B 41 -1.15 -1.06 -9.22
CA HIS B 41 -2.20 -0.67 -8.28
C HIS B 41 -1.84 0.68 -7.67
N PRO B 42 -1.84 1.74 -8.50
CA PRO B 42 -1.50 3.10 -8.06
C PRO B 42 -2.49 3.72 -7.08
N ASP B 43 -1.97 4.35 -6.04
CA ASP B 43 -2.83 5.01 -5.06
C ASP B 43 -3.62 6.11 -5.76
N LYS B 44 -4.89 6.26 -5.38
CA LYS B 44 -5.78 7.25 -5.97
C LYS B 44 -5.79 7.13 -7.49
N LEU B 45 -5.77 5.91 -7.99
CA LEU B 45 -5.77 5.69 -9.44
C LEU B 45 -6.97 6.32 -10.12
N GLU B 46 -8.08 6.46 -9.39
CA GLU B 46 -9.31 7.02 -9.96
C GLU B 46 -9.19 8.52 -10.27
N GLU B 47 -8.21 9.16 -9.65
CA GLU B 47 -7.98 10.57 -9.89
C GLU B 47 -6.86 10.67 -10.92
N LYS B 48 -5.86 9.80 -10.77
CA LYS B 48 -4.71 9.77 -11.67
C LYS B 48 -5.07 9.48 -13.12
N PHE B 49 -5.96 8.52 -13.34
CA PHE B 49 -6.35 8.15 -14.70
C PHE B 49 -6.83 9.30 -15.61
N PRO B 50 -7.78 10.13 -15.14
CA PRO B 50 -8.26 11.24 -15.99
C PRO B 50 -7.12 12.17 -16.37
N GLN B 51 -6.26 12.45 -15.39
CA GLN B 51 -5.11 13.33 -15.58
C GLN B 51 -4.14 12.83 -16.66
N VAL B 52 -3.63 11.62 -16.49
CA VAL B 52 -2.68 11.08 -17.45
C VAL B 52 -3.29 10.74 -18.81
N ALA B 53 -4.50 10.21 -18.81
CA ALA B 53 -5.17 9.84 -20.06
C ALA B 53 -5.38 11.06 -20.97
N ALA B 54 -5.25 12.25 -20.40
CA ALA B 54 -5.42 13.48 -21.17
C ALA B 54 -4.23 13.68 -22.10
N THR B 55 -3.02 13.57 -21.55
CA THR B 55 -1.80 13.73 -22.32
C THR B 55 -1.49 12.47 -23.11
N GLY B 56 -2.52 11.71 -23.41
CA GLY B 56 -2.37 10.49 -24.19
C GLY B 56 -1.65 9.32 -23.56
N ASP B 57 -1.60 9.26 -22.23
CA ASP B 57 -0.94 8.13 -21.59
C ASP B 57 -1.79 7.49 -20.50
N GLY B 58 -1.17 6.62 -19.70
CA GLY B 58 -1.88 5.94 -18.64
C GLY B 58 -1.89 4.45 -18.93
N PRO B 59 -2.83 3.68 -18.37
CA PRO B 59 -2.87 2.24 -18.63
C PRO B 59 -3.71 1.94 -19.86
N ASP B 60 -3.59 0.73 -20.38
CA ASP B 60 -4.40 0.35 -21.53
C ASP B 60 -5.81 0.08 -20.99
N ILE B 61 -5.83 -0.49 -19.79
CA ILE B 61 -7.07 -0.86 -19.12
C ILE B 61 -7.08 -0.39 -17.67
N ILE B 62 -8.21 0.16 -17.23
CA ILE B 62 -8.32 0.59 -15.84
C ILE B 62 -9.50 -0.14 -15.23
N PHE B 63 -9.30 -0.70 -14.05
CA PHE B 63 -10.35 -1.42 -13.33
C PHE B 63 -10.76 -0.57 -12.14
N TYR B 64 -12.02 -0.14 -12.07
CA TYR B 64 -12.46 0.65 -10.93
C TYR B 64 -13.97 0.62 -10.85
N ALA B 65 -14.53 1.03 -9.72
CA ALA B 65 -15.98 1.04 -9.59
C ALA B 65 -16.59 1.87 -10.72
N HIS B 66 -17.79 1.50 -11.13
CA HIS B 66 -18.51 2.15 -12.23
C HIS B 66 -18.91 3.61 -12.05
N ASP B 67 -19.06 4.07 -10.82
CA ASP B 67 -19.49 5.45 -10.60
C ASP B 67 -18.55 6.49 -11.20
N ARG B 68 -17.27 6.15 -11.28
CA ARG B 68 -16.24 7.02 -11.82
C ARG B 68 -16.18 7.07 -13.33
N PHE B 69 -16.71 6.04 -13.99
CA PHE B 69 -16.68 5.94 -15.44
C PHE B 69 -17.48 6.93 -16.28
N GLY B 70 -18.65 7.36 -15.79
CA GLY B 70 -19.43 8.32 -16.56
C GLY B 70 -18.59 9.53 -16.89
N GLY B 71 -17.83 10.00 -15.90
CA GLY B 71 -16.97 11.15 -16.10
C GLY B 71 -15.88 10.88 -17.12
N TYR B 72 -15.23 9.73 -17.02
CA TYR B 72 -14.18 9.39 -17.96
C TYR B 72 -14.75 9.38 -19.37
N ALA B 73 -15.98 8.85 -19.50
CA ALA B 73 -16.65 8.78 -20.80
C ALA B 73 -16.92 10.16 -21.39
N GLN B 74 -17.44 11.07 -20.56
CA GLN B 74 -17.73 12.43 -20.99
C GLN B 74 -16.50 13.14 -21.54
N SER B 75 -15.34 12.89 -20.93
CA SER B 75 -14.09 13.49 -21.36
C SER B 75 -13.45 12.71 -22.52
N GLY B 76 -14.23 11.79 -23.09
CA GLY B 76 -13.72 10.99 -24.20
C GLY B 76 -12.44 10.25 -23.87
N LEU B 77 -12.39 9.65 -22.69
CA LEU B 77 -11.19 8.92 -22.28
C LEU B 77 -11.36 7.42 -22.43
N LEU B 78 -12.59 6.98 -22.63
CA LEU B 78 -12.88 5.56 -22.76
C LEU B 78 -13.33 5.14 -24.15
N ALA B 79 -12.70 4.11 -24.68
CA ALA B 79 -13.08 3.61 -25.99
C ALA B 79 -14.41 2.88 -25.80
N GLU B 80 -15.32 3.01 -26.76
CA GLU B 80 -16.60 2.32 -26.68
C GLU B 80 -16.24 0.84 -26.85
N ILE B 81 -16.84 -0.04 -26.05
CA ILE B 81 -16.53 -1.46 -26.19
C ILE B 81 -17.48 -2.09 -27.21
N THR B 82 -17.06 -3.18 -27.81
CA THR B 82 -17.89 -3.81 -28.84
C THR B 82 -18.20 -5.30 -28.65
N PRO B 83 -18.77 -5.67 -27.50
CA PRO B 83 -19.11 -7.08 -27.23
C PRO B 83 -20.30 -7.49 -28.08
N ASP B 84 -20.27 -8.69 -28.63
CA ASP B 84 -21.37 -9.19 -29.45
C ASP B 84 -22.53 -9.61 -28.55
N LYS B 85 -23.68 -9.87 -29.14
CA LYS B 85 -24.86 -10.25 -28.38
C LYS B 85 -24.70 -11.54 -27.57
N ALA B 86 -23.96 -12.50 -28.11
CA ALA B 86 -23.74 -13.75 -27.42
C ALA B 86 -22.93 -13.50 -26.15
N PHE B 87 -22.00 -12.55 -26.22
CA PHE B 87 -21.18 -12.24 -25.05
C PHE B 87 -21.99 -11.46 -24.02
N GLN B 88 -22.80 -10.50 -24.47
CA GLN B 88 -23.60 -9.69 -23.56
C GLN B 88 -24.57 -10.53 -22.75
N ASP B 89 -25.05 -11.64 -23.33
CA ASP B 89 -25.98 -12.51 -22.64
C ASP B 89 -25.35 -13.31 -21.50
N LYS B 90 -24.02 -13.32 -21.45
CA LYS B 90 -23.30 -14.05 -20.41
C LYS B 90 -23.17 -13.26 -19.12
N LEU B 91 -23.52 -11.98 -19.18
CA LEU B 91 -23.47 -11.12 -18.00
C LEU B 91 -24.90 -10.70 -17.70
N TYR B 92 -25.16 -10.32 -16.44
CA TYR B 92 -26.50 -9.88 -16.07
C TYR B 92 -26.78 -8.51 -16.64
N PRO B 93 -28.00 -8.31 -17.16
CA PRO B 93 -28.35 -7.01 -17.73
C PRO B 93 -28.10 -5.79 -16.85
N PHE B 94 -28.45 -5.85 -15.57
CA PHE B 94 -28.23 -4.68 -14.71
C PHE B 94 -26.74 -4.31 -14.61
N THR B 95 -25.84 -5.26 -14.82
CA THR B 95 -24.43 -4.92 -14.76
C THR B 95 -24.06 -4.13 -16.02
N TRP B 96 -24.64 -4.50 -17.16
CA TRP B 96 -24.37 -3.76 -18.40
C TRP B 96 -24.89 -2.34 -18.23
N ASP B 97 -26.04 -2.22 -17.57
CA ASP B 97 -26.65 -0.91 -17.33
C ASP B 97 -25.76 -0.02 -16.48
N ALA B 98 -25.07 -0.64 -15.53
CA ALA B 98 -24.17 0.10 -14.65
C ALA B 98 -23.08 0.81 -15.44
N VAL B 99 -22.66 0.22 -16.55
CA VAL B 99 -21.62 0.80 -17.39
C VAL B 99 -22.12 1.41 -18.70
N ARG B 100 -23.41 1.70 -18.77
CA ARG B 100 -23.97 2.31 -19.98
C ARG B 100 -24.06 3.80 -19.72
N TYR B 101 -23.34 4.60 -20.49
CA TYR B 101 -23.39 6.04 -20.31
C TYR B 101 -23.81 6.78 -21.57
N ASN B 102 -24.87 7.57 -21.45
CA ASN B 102 -25.39 8.33 -22.58
C ASN B 102 -25.68 7.40 -23.76
N GLY B 103 -26.26 6.23 -23.44
CA GLY B 103 -26.63 5.27 -24.46
C GLY B 103 -25.55 4.36 -25.01
N LYS B 104 -24.36 4.36 -24.40
CA LYS B 104 -23.29 3.50 -24.88
C LYS B 104 -22.62 2.68 -23.79
N LEU B 105 -22.18 1.48 -24.15
CA LEU B 105 -21.48 0.62 -23.21
C LEU B 105 -20.05 1.12 -23.22
N ILE B 106 -19.62 1.73 -22.12
CA ILE B 106 -18.29 2.28 -22.06
C ILE B 106 -17.30 1.45 -21.22
N ALA B 107 -17.71 0.25 -20.84
CA ALA B 107 -16.84 -0.61 -20.04
C ALA B 107 -17.45 -1.99 -19.81
N TYR B 108 -16.62 -2.94 -19.40
CA TYR B 108 -17.09 -4.30 -19.14
C TYR B 108 -17.32 -4.47 -17.64
N PRO B 109 -18.54 -4.89 -17.24
CA PRO B 109 -18.83 -5.10 -15.81
C PRO B 109 -18.08 -6.34 -15.34
N ILE B 110 -17.49 -6.28 -14.15
CA ILE B 110 -16.74 -7.42 -13.62
C ILE B 110 -17.39 -8.05 -12.39
N ALA B 111 -17.67 -7.23 -11.38
CA ALA B 111 -18.26 -7.71 -10.12
C ALA B 111 -19.15 -6.66 -9.48
N VAL B 112 -20.05 -7.12 -8.61
CA VAL B 112 -20.98 -6.26 -7.91
C VAL B 112 -20.72 -6.37 -6.42
N TYR B 113 -20.57 -5.25 -5.74
CA TYR B 113 -20.31 -5.29 -4.31
C TYR B 113 -20.92 -4.16 -3.51
N ALA B 114 -21.01 -4.38 -2.20
CA ALA B 114 -21.54 -3.40 -1.25
C ALA B 114 -20.90 -3.69 0.10
N LEU B 115 -21.00 -2.72 1.02
CA LEU B 115 -20.45 -2.89 2.36
C LEU B 115 -21.44 -3.68 3.21
N SER B 116 -20.89 -4.42 4.17
CA SER B 116 -21.67 -5.21 5.11
C SER B 116 -21.08 -5.02 6.51
N LEU B 117 -21.83 -5.43 7.51
CA LEU B 117 -21.37 -5.36 8.90
C LEU B 117 -20.69 -6.72 9.11
N ILE B 118 -19.42 -6.70 9.48
CA ILE B 118 -18.70 -7.94 9.71
C ILE B 118 -18.53 -7.99 11.22
N TYR B 119 -18.87 -9.11 11.85
CA TYR B 119 -18.77 -9.18 13.30
C TYR B 119 -18.07 -10.42 13.84
N ASN B 120 -17.39 -10.23 14.97
CA ASN B 120 -16.65 -11.29 15.64
C ASN B 120 -17.62 -12.04 16.55
N LYS B 121 -18.06 -13.21 16.12
CA LYS B 121 -18.99 -14.03 16.88
C LYS B 121 -18.57 -14.43 18.30
N ASP B 122 -17.26 -14.45 18.58
CA ASP B 122 -16.81 -14.82 19.91
C ASP B 122 -16.97 -13.68 20.90
N LEU B 123 -16.99 -12.46 20.39
CA LEU B 123 -17.17 -11.30 21.24
C LEU B 123 -18.62 -10.82 21.19
N LEU B 124 -19.30 -11.10 20.09
CA LEU B 124 -20.68 -10.66 19.92
C LEU B 124 -21.44 -11.66 19.06
N PRO B 125 -21.91 -12.75 19.67
CA PRO B 125 -22.65 -13.76 18.88
C PRO B 125 -23.83 -13.21 18.10
N ASN B 126 -24.51 -12.19 18.64
CA ASN B 126 -25.66 -11.59 17.98
C ASN B 126 -25.36 -10.12 17.68
N PRO B 127 -25.23 -9.77 16.40
CA PRO B 127 -24.93 -8.37 16.06
C PRO B 127 -26.10 -7.42 16.31
N PRO B 128 -25.82 -6.13 16.56
CA PRO B 128 -26.85 -5.11 16.82
C PRO B 128 -27.65 -4.86 15.56
N LYS B 129 -28.95 -4.73 15.69
CA LYS B 129 -29.76 -4.46 14.52
C LYS B 129 -29.88 -2.97 14.33
N THR B 130 -29.47 -2.21 15.35
CA THR B 130 -29.56 -0.76 15.29
C THR B 130 -28.26 -0.03 15.63
N TRP B 131 -28.06 1.13 15.01
CA TRP B 131 -26.88 1.95 15.28
C TRP B 131 -26.99 2.52 16.69
N GLU B 132 -28.21 2.86 17.08
CA GLU B 132 -28.48 3.44 18.39
C GLU B 132 -28.04 2.63 19.59
N GLU B 133 -27.96 1.31 19.45
CA GLU B 133 -27.55 0.48 20.56
C GLU B 133 -26.03 0.27 20.66
N ILE B 134 -25.28 0.65 19.62
CA ILE B 134 -23.83 0.45 19.64
C ILE B 134 -23.08 1.19 20.76
N PRO B 135 -23.49 2.44 21.09
CA PRO B 135 -22.77 3.15 22.16
C PRO B 135 -22.77 2.37 23.48
N ALA B 136 -23.93 1.87 23.87
CA ALA B 136 -24.04 1.11 25.12
C ALA B 136 -23.21 -0.16 25.04
N LEU B 137 -23.19 -0.78 23.86
CA LEU B 137 -22.43 -2.02 23.68
C LEU B 137 -20.92 -1.76 23.82
N ASP B 138 -20.50 -0.60 23.34
CA ASP B 138 -19.10 -0.22 23.40
C ASP B 138 -18.66 -0.03 24.84
N LYS B 139 -19.50 0.61 25.65
CA LYS B 139 -19.15 0.83 27.05
C LYS B 139 -18.99 -0.52 27.74
N GLU B 140 -19.88 -1.45 27.41
CA GLU B 140 -19.85 -2.77 27.99
C GLU B 140 -18.56 -3.49 27.59
N LEU B 141 -18.18 -3.35 26.32
CA LEU B 141 -16.97 -3.98 25.79
C LEU B 141 -15.69 -3.36 26.32
N LYS B 142 -15.75 -2.07 26.67
CA LYS B 142 -14.57 -1.38 27.20
C LYS B 142 -14.13 -2.07 28.49
N ALA B 143 -15.11 -2.47 29.29
CA ALA B 143 -14.82 -3.14 30.56
C ALA B 143 -14.13 -4.47 30.33
N LYS B 144 -13.98 -4.85 29.06
CA LYS B 144 -13.34 -6.11 28.70
C LYS B 144 -12.09 -5.81 27.85
N GLY B 145 -11.69 -4.53 27.84
CA GLY B 145 -10.52 -4.15 27.08
C GLY B 145 -10.71 -4.18 25.57
N LYS B 146 -11.96 -4.21 25.12
CA LYS B 146 -12.26 -4.24 23.69
C LYS B 146 -13.10 -3.03 23.27
N SER B 147 -13.40 -2.93 21.98
CA SER B 147 -14.25 -1.86 21.48
C SER B 147 -15.38 -2.51 20.67
N ALA B 148 -16.46 -1.78 20.46
CA ALA B 148 -17.58 -2.35 19.72
C ALA B 148 -17.44 -2.26 18.20
N LEU B 149 -16.99 -1.12 17.71
CA LEU B 149 -16.90 -0.95 16.27
C LEU B 149 -15.76 -0.07 15.76
N MET B 150 -15.04 -0.58 14.76
CA MET B 150 -13.96 0.17 14.13
C MET B 150 -14.01 -0.04 12.63
N PHE B 151 -14.09 1.07 11.88
CA PHE B 151 -14.13 1.03 10.43
C PHE B 151 -13.54 2.33 9.87
N ASN B 152 -13.09 2.26 8.63
CA ASN B 152 -12.46 3.40 7.97
C ASN B 152 -13.34 4.65 7.91
N LEU B 153 -12.99 5.65 8.73
CA LEU B 153 -13.73 6.91 8.78
C LEU B 153 -13.20 7.96 7.82
N GLN B 154 -12.10 7.65 7.14
CA GLN B 154 -11.47 8.59 6.20
C GLN B 154 -12.11 8.65 4.81
N GLU B 155 -12.72 7.55 4.37
CA GLU B 155 -13.34 7.51 3.05
C GLU B 155 -14.86 7.51 3.16
N PRO B 156 -15.52 8.49 2.50
CA PRO B 156 -16.98 8.60 2.53
C PRO B 156 -17.81 7.39 2.13
N TYR B 157 -17.22 6.46 1.39
CA TYR B 157 -17.95 5.26 0.98
C TYR B 157 -18.37 4.45 2.22
N PHE B 158 -17.53 4.47 3.24
CA PHE B 158 -17.80 3.74 4.47
C PHE B 158 -18.81 4.41 5.39
N THR B 159 -18.86 5.74 5.35
CA THR B 159 -19.79 6.46 6.23
C THR B 159 -21.11 6.83 5.54
N TRP B 160 -21.12 6.88 4.22
CA TRP B 160 -22.33 7.23 3.48
C TRP B 160 -23.57 6.42 3.84
N PRO B 161 -23.43 5.10 4.03
CA PRO B 161 -24.60 4.29 4.39
C PRO B 161 -25.40 4.91 5.56
N LEU B 162 -24.69 5.33 6.60
CA LEU B 162 -25.33 5.94 7.77
C LEU B 162 -25.87 7.34 7.51
N ILE B 163 -25.13 8.14 6.75
CA ILE B 163 -25.56 9.49 6.42
C ILE B 163 -26.83 9.46 5.57
N ALA B 164 -26.91 8.48 4.67
CA ALA B 164 -28.07 8.36 3.78
C ALA B 164 -29.26 7.64 4.39
N ALA B 165 -29.04 6.92 5.50
CA ALA B 165 -30.09 6.16 6.16
C ALA B 165 -31.41 6.91 6.36
N ASP B 166 -31.33 8.12 6.91
CA ASP B 166 -32.52 8.93 7.19
C ASP B 166 -32.91 9.97 6.14
N GLY B 167 -32.56 9.75 4.88
CA GLY B 167 -32.94 10.71 3.85
C GLY B 167 -31.87 11.41 3.02
N GLY B 168 -30.61 11.26 3.38
CA GLY B 168 -29.56 11.90 2.59
C GLY B 168 -29.39 11.15 1.28
N TYR B 169 -28.93 11.84 0.24
CA TYR B 169 -28.70 11.22 -1.06
C TYR B 169 -27.83 12.09 -1.96
N ALA B 170 -27.27 11.47 -3.00
CA ALA B 170 -26.38 12.18 -3.91
C ALA B 170 -27.17 13.03 -4.91
N PHE B 171 -27.94 12.37 -5.78
CA PHE B 171 -28.74 13.05 -6.78
C PHE B 171 -30.10 12.36 -6.87
N LYS B 172 -31.19 13.14 -6.84
CA LYS B 172 -32.53 12.56 -6.93
C LYS B 172 -32.74 11.85 -8.26
N TYR B 173 -33.41 10.70 -8.20
CA TYR B 173 -33.70 9.91 -9.40
C TYR B 173 -35.17 10.13 -9.81
N GLU B 174 -35.42 11.28 -10.41
CA GLU B 174 -36.77 11.64 -10.86
C GLU B 174 -36.87 11.49 -12.37
N ASN B 175 -38.01 11.00 -12.84
CA ASN B 175 -38.25 10.82 -14.28
C ASN B 175 -37.23 9.85 -14.91
N GLY B 176 -37.07 8.69 -14.30
CA GLY B 176 -36.14 7.70 -14.82
C GLY B 176 -34.74 8.25 -15.06
N LYS B 177 -34.44 9.39 -14.45
CA LYS B 177 -33.13 10.01 -14.60
C LYS B 177 -32.68 10.71 -13.31
N TYR B 178 -31.49 11.31 -13.36
CA TYR B 178 -30.93 12.00 -12.20
C TYR B 178 -30.94 13.52 -12.32
N ASP B 179 -31.64 14.18 -11.41
CA ASP B 179 -31.69 15.65 -11.40
C ASP B 179 -30.39 16.14 -10.77
N ILE B 180 -29.46 16.55 -11.62
CA ILE B 180 -28.15 17.04 -11.19
C ILE B 180 -28.19 18.19 -10.18
N LYS B 181 -29.20 19.05 -10.29
CA LYS B 181 -29.30 20.19 -9.39
C LYS B 181 -29.94 19.79 -8.06
N ASP B 182 -30.62 18.64 -8.03
CA ASP B 182 -31.27 18.15 -6.84
C ASP B 182 -30.33 17.23 -6.04
N VAL B 183 -29.59 17.82 -5.10
CA VAL B 183 -28.65 17.07 -4.28
C VAL B 183 -29.12 17.01 -2.83
N GLY B 184 -29.01 15.84 -2.21
CA GLY B 184 -29.44 15.69 -0.83
C GLY B 184 -28.35 15.48 0.20
N VAL B 185 -27.28 16.27 0.13
CA VAL B 185 -26.19 16.14 1.10
C VAL B 185 -26.40 17.13 2.23
N ASP B 186 -27.31 18.07 2.00
CA ASP B 186 -27.58 19.11 2.98
C ASP B 186 -28.94 19.06 3.65
N ASN B 187 -29.73 18.01 3.40
CA ASN B 187 -31.05 17.91 4.02
C ASN B 187 -30.99 17.43 5.48
N ALA B 188 -32.13 17.39 6.14
CA ALA B 188 -32.20 16.98 7.52
C ALA B 188 -31.77 15.53 7.72
N GLY B 189 -32.04 14.69 6.72
CA GLY B 189 -31.68 13.29 6.83
C GLY B 189 -30.18 13.13 7.01
N ALA B 190 -29.42 13.75 6.10
CA ALA B 190 -27.96 13.67 6.13
C ALA B 190 -27.39 14.27 7.41
N LYS B 191 -27.94 15.40 7.85
CA LYS B 191 -27.46 16.05 9.06
C LYS B 191 -27.61 15.13 10.28
N ALA B 192 -28.76 14.46 10.37
CA ALA B 192 -29.01 13.55 11.48
C ALA B 192 -28.00 12.40 11.47
N GLY B 193 -27.73 11.86 10.28
CA GLY B 193 -26.78 10.77 10.15
C GLY B 193 -25.37 11.14 10.57
N LEU B 194 -24.85 12.20 9.96
CA LEU B 194 -23.50 12.67 10.26
C LEU B 194 -23.38 13.10 11.72
N THR B 195 -24.46 13.65 12.27
CA THR B 195 -24.48 14.11 13.66
C THR B 195 -24.32 12.93 14.60
N PHE B 196 -24.96 11.81 14.28
CA PHE B 196 -24.86 10.63 15.12
C PHE B 196 -23.42 10.12 15.10
N LEU B 197 -22.81 10.18 13.92
CA LEU B 197 -21.44 9.72 13.74
C LEU B 197 -20.47 10.58 14.53
N VAL B 198 -20.63 11.90 14.43
CA VAL B 198 -19.78 12.83 15.16
C VAL B 198 -19.95 12.69 16.67
N ASP B 199 -21.17 12.36 17.13
CA ASP B 199 -21.39 12.17 18.56
C ASP B 199 -20.62 10.93 19.03
N LEU B 200 -20.63 9.87 18.23
CA LEU B 200 -19.89 8.65 18.56
C LEU B 200 -18.41 8.97 18.74
N ILE B 201 -17.88 9.84 17.87
CA ILE B 201 -16.48 10.21 17.92
C ILE B 201 -16.22 11.15 19.09
N LYS B 202 -17.04 12.19 19.22
CA LYS B 202 -16.87 13.14 20.32
C LYS B 202 -16.96 12.46 21.69
N ASN B 203 -17.80 11.43 21.79
CA ASN B 203 -17.99 10.70 23.04
C ASN B 203 -16.97 9.60 23.25
N LYS B 204 -15.98 9.55 22.36
CA LYS B 204 -14.92 8.57 22.46
C LYS B 204 -15.29 7.11 22.21
N HIS B 205 -16.35 6.86 21.45
CA HIS B 205 -16.75 5.49 21.16
C HIS B 205 -15.97 5.03 19.93
N MET B 206 -15.50 6.01 19.16
CA MET B 206 -14.68 5.75 17.97
C MET B 206 -13.67 6.91 17.92
N ASN B 207 -12.56 6.71 17.21
CA ASN B 207 -11.54 7.75 17.08
C ASN B 207 -11.59 8.37 15.69
N ALA B 208 -11.52 9.69 15.63
CA ALA B 208 -11.57 10.38 14.36
C ALA B 208 -10.51 9.91 13.37
N ASP B 209 -9.32 9.53 13.84
CA ASP B 209 -8.28 9.12 12.90
C ASP B 209 -8.23 7.66 12.47
N THR B 210 -9.25 6.88 12.83
CA THR B 210 -9.25 5.49 12.43
C THR B 210 -9.38 5.39 10.90
N ASP B 211 -8.47 4.65 10.28
CA ASP B 211 -8.48 4.46 8.83
C ASP B 211 -8.61 2.97 8.47
N TYR B 212 -8.39 2.64 7.21
CA TYR B 212 -8.51 1.26 6.77
C TYR B 212 -7.57 0.32 7.54
N SER B 213 -6.28 0.62 7.47
CA SER B 213 -5.28 -0.19 8.15
C SER B 213 -5.61 -0.36 9.62
N ILE B 214 -5.90 0.75 10.30
CA ILE B 214 -6.22 0.72 11.72
C ILE B 214 -7.41 -0.17 12.06
N ALA B 215 -8.51 -0.01 11.33
CA ALA B 215 -9.69 -0.80 11.59
C ALA B 215 -9.47 -2.28 11.26
N GLU B 216 -8.79 -2.55 10.14
CA GLU B 216 -8.54 -3.92 9.74
C GLU B 216 -7.68 -4.65 10.76
N ALA B 217 -6.64 -3.99 11.24
CA ALA B 217 -5.77 -4.62 12.22
C ALA B 217 -6.56 -4.90 13.49
N ALA B 218 -7.39 -3.96 13.89
CA ALA B 218 -8.17 -4.11 15.12
C ALA B 218 -9.14 -5.28 15.09
N PHE B 219 -9.85 -5.45 13.98
CA PHE B 219 -10.80 -6.55 13.92
C PHE B 219 -10.14 -7.90 13.76
N ASN B 220 -9.11 -7.97 12.91
CA ASN B 220 -8.42 -9.23 12.66
C ASN B 220 -7.59 -9.71 13.85
N LYS B 221 -7.37 -8.85 14.84
CA LYS B 221 -6.62 -9.24 16.02
C LYS B 221 -7.58 -9.42 17.20
N GLY B 222 -8.86 -9.39 16.90
CA GLY B 222 -9.87 -9.57 17.92
C GLY B 222 -9.92 -8.52 19.00
N GLU B 223 -9.72 -7.26 18.65
CA GLU B 223 -9.75 -6.16 19.61
C GLU B 223 -11.05 -5.35 19.50
N THR B 224 -11.76 -5.51 18.39
CA THR B 224 -13.03 -4.82 18.18
C THR B 224 -14.05 -5.85 17.70
N ALA B 225 -15.28 -5.75 18.21
CA ALA B 225 -16.31 -6.71 17.87
C ALA B 225 -16.87 -6.59 16.46
N MET B 226 -16.77 -5.42 15.86
CA MET B 226 -17.29 -5.22 14.53
C MET B 226 -16.48 -4.28 13.68
N THR B 227 -16.71 -4.35 12.39
CA THR B 227 -16.07 -3.49 11.43
C THR B 227 -17.02 -3.43 10.26
N ILE B 228 -16.78 -2.53 9.33
CA ILE B 228 -17.60 -2.41 8.14
C ILE B 228 -16.68 -2.50 6.95
N ASN B 229 -16.94 -3.44 6.06
CA ASN B 229 -16.07 -3.58 4.90
C ASN B 229 -16.73 -4.33 3.76
N GLY B 230 -16.02 -4.39 2.63
CA GLY B 230 -16.51 -5.07 1.44
C GLY B 230 -15.98 -6.49 1.36
N PRO B 231 -16.39 -7.27 0.34
CA PRO B 231 -15.94 -8.67 0.17
C PRO B 231 -14.42 -8.85 0.11
N TRP B 232 -13.72 -7.88 -0.49
CA TRP B 232 -12.25 -7.94 -0.61
C TRP B 232 -11.52 -8.12 0.70
N ALA B 233 -12.15 -7.74 1.81
CA ALA B 233 -11.53 -7.87 3.12
C ALA B 233 -11.63 -9.26 3.74
N TRP B 234 -12.52 -10.09 3.22
CA TRP B 234 -12.71 -11.42 3.79
C TRP B 234 -11.42 -12.24 3.76
N SER B 235 -10.64 -12.09 2.71
CA SER B 235 -9.38 -12.83 2.58
C SER B 235 -8.50 -12.69 3.82
N ASN B 236 -8.20 -11.46 4.22
CA ASN B 236 -7.34 -11.28 5.39
C ASN B 236 -7.96 -11.76 6.70
N ILE B 237 -9.29 -11.76 6.78
CA ILE B 237 -9.96 -12.21 8.00
C ILE B 237 -9.90 -13.74 8.11
N ASP B 238 -9.99 -14.44 6.97
CA ASP B 238 -9.96 -15.89 6.99
C ASP B 238 -8.60 -16.30 7.59
N THR B 239 -7.57 -15.57 7.21
CA THR B 239 -6.20 -15.81 7.68
C THR B 239 -6.11 -15.62 9.20
N SER B 240 -6.69 -14.55 9.70
CA SER B 240 -6.65 -14.26 11.14
C SER B 240 -7.31 -15.36 11.95
N LYS B 241 -8.19 -16.12 11.32
CA LYS B 241 -8.90 -17.20 11.97
C LYS B 241 -10.00 -16.70 12.90
N VAL B 242 -10.30 -15.41 12.85
CA VAL B 242 -11.36 -14.85 13.68
C VAL B 242 -12.68 -15.48 13.21
N ASN B 243 -13.46 -16.01 14.15
CA ASN B 243 -14.74 -16.60 13.81
C ASN B 243 -15.68 -15.42 13.58
N TYR B 244 -15.94 -15.10 12.32
CA TYR B 244 -16.76 -13.94 12.00
C TYR B 244 -18.02 -14.19 11.19
N GLY B 245 -18.92 -13.21 11.23
CA GLY B 245 -20.15 -13.28 10.47
C GLY B 245 -20.27 -12.05 9.58
N VAL B 246 -21.03 -12.16 8.50
CA VAL B 246 -21.23 -11.03 7.59
C VAL B 246 -22.74 -10.83 7.50
N THR B 247 -23.22 -9.69 7.96
CA THR B 247 -24.66 -9.45 7.96
C THR B 247 -25.01 -8.03 7.50
N VAL B 248 -26.28 -7.68 7.58
CA VAL B 248 -26.74 -6.36 7.18
C VAL B 248 -26.28 -5.28 8.17
N LEU B 249 -26.08 -4.07 7.65
CA LEU B 249 -25.66 -2.93 8.46
C LEU B 249 -26.82 -2.52 9.37
N PRO B 250 -26.53 -2.12 10.61
CA PRO B 250 -27.63 -1.73 11.50
C PRO B 250 -28.52 -0.62 10.94
N THR B 251 -29.68 -0.43 11.54
CA THR B 251 -30.60 0.61 11.11
C THR B 251 -30.37 1.91 11.88
N PHE B 252 -30.84 3.02 11.33
CA PHE B 252 -30.73 4.31 12.01
C PHE B 252 -32.11 4.94 11.96
N LYS B 253 -32.66 5.25 13.14
CA LYS B 253 -34.00 5.83 13.27
C LYS B 253 -34.98 4.90 12.60
N GLY B 254 -34.70 3.60 12.73
CA GLY B 254 -35.56 2.58 12.15
C GLY B 254 -35.38 2.34 10.67
N GLN B 255 -34.65 3.21 9.98
CA GLN B 255 -34.45 3.08 8.54
C GLN B 255 -33.21 2.27 8.20
N PRO B 256 -33.22 1.53 7.10
CA PRO B 256 -32.03 0.73 6.77
C PRO B 256 -30.85 1.61 6.31
N SER B 257 -29.62 1.17 6.61
CA SER B 257 -28.47 1.91 6.15
C SER B 257 -28.49 1.60 4.66
N LYS B 258 -28.38 2.63 3.82
CA LYS B 258 -28.43 2.44 2.38
C LYS B 258 -27.04 2.39 1.75
N PRO B 259 -26.46 1.19 1.65
CA PRO B 259 -25.13 0.99 1.06
C PRO B 259 -25.11 1.18 -0.45
N PHE B 260 -24.23 2.05 -0.91
CA PHE B 260 -24.08 2.32 -2.33
C PHE B 260 -23.45 1.10 -3.00
N VAL B 261 -24.15 0.53 -3.98
CA VAL B 261 -23.62 -0.65 -4.68
C VAL B 261 -22.67 -0.25 -5.79
N GLY B 262 -21.51 -0.90 -5.82
CA GLY B 262 -20.53 -0.63 -6.85
C GLY B 262 -20.38 -1.81 -7.81
N VAL B 263 -20.05 -1.50 -9.06
CA VAL B 263 -19.83 -2.52 -10.07
C VAL B 263 -18.41 -2.34 -10.54
N LEU B 264 -17.53 -3.24 -10.12
CA LEU B 264 -16.12 -3.16 -10.52
C LEU B 264 -16.17 -3.28 -12.03
N SER B 265 -15.51 -2.36 -12.72
CA SER B 265 -15.55 -2.37 -14.17
C SER B 265 -14.19 -2.19 -14.81
N ALA B 266 -14.08 -2.69 -16.04
CA ALA B 266 -12.85 -2.58 -16.80
C ALA B 266 -13.05 -1.70 -18.03
N GLY B 267 -12.38 -0.56 -18.03
CA GLY B 267 -12.47 0.35 -19.17
C GLY B 267 -11.19 0.39 -19.98
N ILE B 268 -11.32 0.43 -21.31
CA ILE B 268 -10.15 0.48 -22.19
C ILE B 268 -9.83 1.95 -22.49
N ASN B 269 -8.56 2.32 -22.35
CA ASN B 269 -8.15 3.69 -22.61
C ASN B 269 -8.40 4.03 -24.08
N ALA B 270 -9.03 5.17 -24.34
CA ALA B 270 -9.31 5.59 -25.70
C ALA B 270 -8.02 5.88 -26.47
N ALA B 271 -6.93 6.03 -25.74
CA ALA B 271 -5.63 6.32 -26.34
C ALA B 271 -4.73 5.09 -26.45
N SER B 272 -5.26 3.93 -26.06
CA SER B 272 -4.49 2.70 -26.10
C SER B 272 -4.30 2.16 -27.50
N PRO B 273 -3.06 1.77 -27.84
CA PRO B 273 -2.77 1.22 -29.17
C PRO B 273 -2.92 -0.30 -29.11
N ASN B 274 -3.64 -0.80 -28.12
CA ASN B 274 -3.86 -2.23 -27.95
C ASN B 274 -5.32 -2.57 -27.64
N LYS B 275 -6.25 -1.80 -28.21
CA LYS B 275 -7.66 -2.03 -27.97
C LYS B 275 -8.11 -3.45 -28.30
N GLU B 276 -7.58 -4.02 -29.37
CA GLU B 276 -7.95 -5.36 -29.77
C GLU B 276 -7.47 -6.39 -28.76
N LEU B 277 -6.22 -6.31 -28.35
CA LEU B 277 -5.72 -7.24 -27.35
C LEU B 277 -6.47 -7.04 -26.03
N ALA B 278 -6.78 -5.79 -25.69
CA ALA B 278 -7.50 -5.49 -24.45
C ALA B 278 -8.85 -6.19 -24.45
N LYS B 279 -9.55 -6.14 -25.59
CA LYS B 279 -10.85 -6.80 -25.68
C LYS B 279 -10.66 -8.31 -25.58
N GLU B 280 -9.64 -8.84 -26.23
CA GLU B 280 -9.36 -10.27 -26.19
C GLU B 280 -9.09 -10.72 -24.76
N PHE B 281 -8.28 -9.97 -24.05
CA PHE B 281 -7.95 -10.32 -22.69
C PHE B 281 -9.20 -10.32 -21.82
N LEU B 282 -9.95 -9.24 -21.88
CA LEU B 282 -11.17 -9.12 -21.05
C LEU B 282 -12.24 -10.16 -21.34
N GLU B 283 -12.62 -10.30 -22.61
CA GLU B 283 -13.67 -11.25 -22.99
C GLU B 283 -13.34 -12.73 -22.98
N ASN B 284 -12.11 -13.10 -23.36
CA ASN B 284 -11.76 -14.52 -23.43
C ASN B 284 -10.81 -15.05 -22.36
N TYR B 285 -10.31 -14.19 -21.49
CA TYR B 285 -9.42 -14.64 -20.44
C TYR B 285 -9.93 -14.26 -19.05
N LEU B 286 -10.17 -12.98 -18.81
CA LEU B 286 -10.65 -12.53 -17.51
C LEU B 286 -12.10 -12.92 -17.26
N LEU B 287 -13.00 -12.51 -18.14
CA LEU B 287 -14.42 -12.82 -17.97
C LEU B 287 -14.81 -14.26 -18.33
N THR B 288 -14.20 -15.20 -17.62
CA THR B 288 -14.45 -16.62 -17.78
C THR B 288 -14.45 -17.17 -16.37
N ASP B 289 -14.89 -18.41 -16.19
CA ASP B 289 -14.92 -19.01 -14.86
C ASP B 289 -13.51 -19.08 -14.26
N GLU B 290 -12.52 -19.41 -15.10
CA GLU B 290 -11.14 -19.52 -14.66
C GLU B 290 -10.55 -18.17 -14.26
N GLY B 291 -10.72 -17.19 -15.14
CA GLY B 291 -10.19 -15.86 -14.90
C GLY B 291 -10.68 -15.27 -13.59
N LEU B 292 -12.00 -15.27 -13.40
CA LEU B 292 -12.57 -14.72 -12.19
C LEU B 292 -12.20 -15.50 -10.93
N GLU B 293 -12.04 -16.82 -11.04
CA GLU B 293 -11.65 -17.61 -9.87
C GLU B 293 -10.25 -17.22 -9.43
N ALA B 294 -9.40 -16.90 -10.40
CA ALA B 294 -8.03 -16.52 -10.14
C ALA B 294 -7.99 -15.21 -9.35
N VAL B 295 -8.85 -14.27 -9.72
CA VAL B 295 -8.90 -12.99 -9.04
C VAL B 295 -9.57 -13.16 -7.67
N ASN B 296 -10.74 -13.79 -7.69
CA ASN B 296 -11.52 -14.03 -6.48
C ASN B 296 -10.73 -14.75 -5.39
N LYS B 297 -9.88 -15.69 -5.80
CA LYS B 297 -9.08 -16.45 -4.85
C LYS B 297 -8.06 -15.55 -4.17
N ASP B 298 -7.69 -14.47 -4.84
CA ASP B 298 -6.74 -13.50 -4.28
C ASP B 298 -7.50 -12.64 -3.26
N LYS B 299 -8.52 -11.95 -3.72
CA LYS B 299 -9.36 -11.11 -2.87
C LYS B 299 -10.79 -11.27 -3.37
N PRO B 300 -11.69 -11.78 -2.53
CA PRO B 300 -13.09 -11.99 -2.91
C PRO B 300 -13.70 -10.79 -3.65
N LEU B 301 -14.29 -11.05 -4.81
CA LEU B 301 -14.89 -10.01 -5.65
C LEU B 301 -16.31 -9.66 -5.22
N GLY B 302 -16.97 -10.57 -4.53
CA GLY B 302 -18.35 -10.36 -4.16
C GLY B 302 -19.14 -11.09 -5.25
N ALA B 303 -20.27 -10.54 -5.69
CA ALA B 303 -21.05 -11.18 -6.74
C ALA B 303 -20.45 -10.80 -8.09
N VAL B 304 -20.21 -11.78 -8.95
CA VAL B 304 -19.66 -11.47 -10.28
C VAL B 304 -20.74 -11.29 -11.32
N ALA B 305 -20.44 -10.51 -12.36
CA ALA B 305 -21.38 -10.24 -13.44
C ALA B 305 -21.61 -11.44 -14.34
N LEU B 306 -20.60 -12.30 -14.39
CA LEU B 306 -20.67 -13.50 -15.22
C LEU B 306 -21.61 -14.53 -14.60
N LYS B 307 -22.72 -14.79 -15.28
CA LYS B 307 -23.72 -15.74 -14.79
C LYS B 307 -23.20 -17.10 -14.37
N SER B 308 -22.46 -17.76 -15.26
CA SER B 308 -21.96 -19.10 -14.97
C SER B 308 -21.14 -19.21 -13.70
N TYR B 309 -20.42 -18.14 -13.35
CA TYR B 309 -19.60 -18.16 -12.15
C TYR B 309 -20.38 -17.71 -10.93
N GLU B 310 -21.33 -16.78 -11.13
CA GLU B 310 -22.14 -16.28 -10.03
C GLU B 310 -22.99 -17.39 -9.43
N GLU B 311 -23.28 -18.44 -10.20
CA GLU B 311 -24.07 -19.55 -9.68
C GLU B 311 -23.33 -20.19 -8.51
N GLU B 312 -22.03 -20.39 -8.69
CA GLU B 312 -21.19 -21.00 -7.66
C GLU B 312 -21.09 -20.10 -6.45
N LEU B 313 -20.71 -18.85 -6.68
CA LEU B 313 -20.53 -17.86 -5.63
C LEU B 313 -21.77 -17.57 -4.77
N ALA B 314 -22.94 -17.52 -5.40
CA ALA B 314 -24.18 -17.23 -4.68
C ALA B 314 -24.41 -18.22 -3.54
N LYS B 315 -23.79 -19.39 -3.61
CA LYS B 315 -23.94 -20.40 -2.57
C LYS B 315 -23.31 -19.95 -1.25
N ASP B 316 -22.43 -18.95 -1.32
CA ASP B 316 -21.76 -18.46 -0.13
C ASP B 316 -22.68 -17.52 0.65
N PRO B 317 -22.99 -17.88 1.90
CA PRO B 317 -23.87 -17.02 2.71
C PRO B 317 -23.35 -15.59 2.81
N ARG B 318 -22.02 -15.45 2.90
CA ARG B 318 -21.42 -14.13 2.99
C ARG B 318 -21.80 -13.27 1.79
N ILE B 319 -21.88 -13.89 0.62
CA ILE B 319 -22.25 -13.18 -0.60
C ILE B 319 -23.73 -12.83 -0.61
N ALA B 320 -24.53 -13.72 -0.05
CA ALA B 320 -25.98 -13.50 0.04
C ALA B 320 -26.18 -12.29 0.93
N ALA B 321 -25.38 -12.20 1.99
CA ALA B 321 -25.44 -11.09 2.92
C ALA B 321 -25.06 -9.78 2.22
N THR B 322 -24.08 -9.87 1.32
CA THR B 322 -23.63 -8.71 0.56
C THR B 322 -24.77 -8.26 -0.36
N MET B 323 -25.43 -9.22 -1.01
CA MET B 323 -26.52 -8.91 -1.90
C MET B 323 -27.70 -8.26 -1.17
N GLU B 324 -28.01 -8.74 0.03
CA GLU B 324 -29.10 -8.18 0.82
C GLU B 324 -28.82 -6.71 1.14
N ASN B 325 -27.60 -6.41 1.56
CA ASN B 325 -27.23 -5.03 1.88
C ASN B 325 -27.39 -4.20 0.61
N ALA B 326 -27.01 -4.77 -0.53
CA ALA B 326 -27.12 -4.08 -1.80
C ALA B 326 -28.58 -3.79 -2.14
N GLN B 327 -29.47 -4.70 -1.75
CA GLN B 327 -30.90 -4.53 -2.02
C GLN B 327 -31.52 -3.36 -1.23
N LYS B 328 -31.05 -3.16 0.00
CA LYS B 328 -31.56 -2.08 0.83
C LYS B 328 -30.90 -0.77 0.41
N GLY B 329 -29.97 -0.89 -0.54
CA GLY B 329 -29.27 0.28 -1.04
C GLY B 329 -29.51 0.41 -2.53
N GLU B 330 -28.88 1.39 -3.16
CA GLU B 330 -29.03 1.61 -4.58
C GLU B 330 -27.70 1.63 -5.33
N ILE B 331 -27.74 1.22 -6.60
CA ILE B 331 -26.52 1.20 -7.39
C ILE B 331 -26.12 2.67 -7.57
N MET B 332 -24.84 2.97 -7.37
CA MET B 332 -24.37 4.35 -7.51
C MET B 332 -24.63 4.90 -8.91
N PRO B 333 -24.73 6.24 -9.02
CA PRO B 333 -24.95 6.84 -10.35
C PRO B 333 -23.57 6.87 -11.00
N ASN B 334 -23.51 7.00 -12.32
CA ASN B 334 -22.22 7.05 -12.98
C ASN B 334 -22.02 8.40 -13.68
N ILE B 335 -22.95 9.32 -13.48
CA ILE B 335 -22.86 10.65 -14.10
C ILE B 335 -21.56 11.35 -13.70
N PRO B 336 -21.10 12.28 -14.54
CA PRO B 336 -19.87 13.06 -14.35
C PRO B 336 -19.71 13.77 -13.00
N GLN B 337 -20.81 14.23 -12.42
CA GLN B 337 -20.78 14.95 -11.15
C GLN B 337 -20.44 14.14 -9.90
N MET B 338 -20.42 12.82 -10.02
CA MET B 338 -20.10 11.97 -8.87
C MET B 338 -18.73 12.27 -8.26
N SER B 339 -17.76 12.64 -9.08
CA SER B 339 -16.43 12.95 -8.57
C SER B 339 -16.49 14.14 -7.62
N ALA B 340 -17.31 15.12 -7.97
CA ALA B 340 -17.46 16.32 -7.15
C ALA B 340 -18.20 15.93 -5.87
N PHE B 341 -19.21 15.09 -6.02
CA PHE B 341 -20.00 14.62 -4.88
C PHE B 341 -19.08 13.95 -3.87
N TRP B 342 -18.30 12.97 -4.33
CA TRP B 342 -17.40 12.26 -3.44
C TRP B 342 -16.39 13.19 -2.78
N TYR B 343 -15.75 14.04 -3.57
CA TYR B 343 -14.78 14.97 -3.02
C TYR B 343 -15.41 15.90 -1.97
N ALA B 344 -16.64 16.36 -2.23
CA ALA B 344 -17.33 17.25 -1.30
C ALA B 344 -17.67 16.57 0.02
N VAL B 345 -18.26 15.38 -0.06
CA VAL B 345 -18.63 14.65 1.14
C VAL B 345 -17.41 14.19 1.93
N ARG B 346 -16.35 13.77 1.24
CA ARG B 346 -15.18 13.33 1.99
C ARG B 346 -14.71 14.47 2.88
N THR B 347 -14.57 15.66 2.28
CA THR B 347 -14.13 16.83 3.01
C THR B 347 -15.05 17.16 4.19
N ALA B 348 -16.36 17.13 3.95
CA ALA B 348 -17.33 17.44 5.00
C ALA B 348 -17.20 16.48 6.18
N VAL B 349 -17.18 15.17 5.91
CA VAL B 349 -17.06 14.20 6.98
C VAL B 349 -15.75 14.39 7.76
N ILE B 350 -14.66 14.60 7.03
CA ILE B 350 -13.37 14.81 7.69
C ILE B 350 -13.41 16.06 8.57
N ASN B 351 -14.00 17.13 8.06
CA ASN B 351 -14.09 18.37 8.84
C ASN B 351 -14.97 18.23 10.07
N ALA B 352 -16.17 17.68 9.91
CA ALA B 352 -17.08 17.51 11.04
C ALA B 352 -16.50 16.55 12.09
N ALA B 353 -16.00 15.41 11.64
CA ALA B 353 -15.43 14.42 12.55
C ALA B 353 -14.26 14.97 13.35
N SER B 354 -13.44 15.82 12.74
CA SER B 354 -12.28 16.37 13.42
C SER B 354 -12.63 17.62 14.24
N GLY B 355 -13.83 18.13 14.02
CA GLY B 355 -14.25 19.32 14.74
C GLY B 355 -13.82 20.61 14.07
N ARG B 356 -13.21 20.52 12.90
CA ARG B 356 -12.78 21.70 12.17
C ARG B 356 -13.97 22.52 11.68
N GLN B 357 -15.16 21.91 11.74
CA GLN B 357 -16.41 22.55 11.32
C GLN B 357 -17.58 21.86 11.99
N THR B 358 -18.69 22.57 12.17
CA THR B 358 -19.87 21.96 12.77
C THR B 358 -20.44 21.07 11.66
N VAL B 359 -21.22 20.07 12.04
CA VAL B 359 -21.83 19.16 11.08
C VAL B 359 -22.65 19.92 10.03
N ASP B 360 -23.40 20.93 10.48
CA ASP B 360 -24.22 21.70 9.56
C ASP B 360 -23.41 22.58 8.62
N GLU B 361 -22.28 23.07 9.12
CA GLU B 361 -21.40 23.92 8.32
C GLU B 361 -20.73 23.06 7.26
N ALA B 362 -20.24 21.90 7.69
CA ALA B 362 -19.58 20.96 6.80
C ALA B 362 -20.46 20.55 5.62
N LEU B 363 -21.73 20.24 5.90
CA LEU B 363 -22.64 19.81 4.85
C LEU B 363 -23.12 20.96 3.97
N LYS B 364 -23.36 22.12 4.57
CA LYS B 364 -23.80 23.26 3.78
C LYS B 364 -22.74 23.61 2.76
N ASP B 365 -21.47 23.54 3.15
CA ASP B 365 -20.40 23.83 2.22
C ASP B 365 -20.29 22.72 1.18
N ALA B 366 -20.54 21.48 1.58
CA ALA B 366 -20.46 20.37 0.62
C ALA B 366 -21.53 20.54 -0.46
N GLN B 367 -22.75 20.88 -0.06
CA GLN B 367 -23.85 21.08 -1.00
C GLN B 367 -23.48 22.18 -2.01
N THR B 368 -22.99 23.30 -1.49
CA THR B 368 -22.60 24.41 -2.33
C THR B 368 -21.59 23.97 -3.38
N ARG B 369 -20.50 23.34 -2.94
CA ARG B 369 -19.45 22.87 -3.85
C ARG B 369 -20.03 21.99 -4.96
N ILE B 370 -21.06 21.22 -4.61
CA ILE B 370 -21.68 20.33 -5.59
C ILE B 370 -22.67 21.02 -6.54
N THR B 371 -23.53 21.88 -5.99
CA THR B 371 -24.55 22.57 -6.79
C THR B 371 -24.17 23.97 -7.30
N LYS B 372 -23.52 24.77 -6.46
CA LYS B 372 -23.14 26.11 -6.87
C LYS B 372 -21.69 26.16 -7.36
#